data_8TIO
#
_entry.id   8TIO
#
_cell.length_a   1.00
_cell.length_b   1.00
_cell.length_c   1.00
_cell.angle_alpha   90.00
_cell.angle_beta   90.00
_cell.angle_gamma   90.00
#
_symmetry.space_group_name_H-M   'P 1'
#
loop_
_entity.id
_entity.type
_entity.pdbx_description
1 polymer Beta-arrestin-1
2 polymer 'Fab7 heavy chain'
3 polymer 'Fab7 light chain'
4 polymer 'Atypical chemokine receptor 3'
#
loop_
_entity_poly.entity_id
_entity_poly.type
_entity_poly.pdbx_seq_one_letter_code
_entity_poly.pdbx_strand_id
1 'polypeptide(L)'
;MGDKGTRVFKKASPNGKLTVYLGKRDFVDHIDLVEPVDGVVLVDPEYLKERRVYVTLTCAFRYGREDLDVLGLTFRKDLF
VANVQSFPPAPEDKKPLTRLQERLIKKLGEHAYPFTFEIPPNLPCSVTLQPGPEDTGKACGVDYEVKAFCAENLEEKIHK
RNSVRLVIRKVQYAPERPGPQPTAETTRQFLMSDKPLHLEASLDKEIYYHGEPISVNVHVTNNTNKTVKKIKISVRQYAD
ICLFNTAQYKCPVAMEEADDTVAPSSTFCKVYTLTPFLANNREKRGLALDGKLKHEDTNLASSTLLREGANREILGIIVS
YKVKVKLVVSRGGLLGDLASSDVAVELPFTLMHPKPKEEPPHREVPEHETPVDTNLIELDTNDDDAAAEDFARQRLKGMK
DDKEEEEDGTGSPRLNDR
;
A
2 'polypeptide(L)'
;EISEVQLVESGGGLVQPGGSLRLSCAASGFNVSSSYIHWVRQAPGKGLEWVASISSYYGYTYYADSVKGRFTISADTSKN
TAYLQMNSLRAEDTAVYYCARKSMYHRGWGWLSWVYGAMDYWGQGTLVTVSSASTKGPSVFPLAPSSKSTSGGTAALGCL
VKDYFPEPVTVSWNSGALTSGVHTFPAVLQSSGLYSLSSVVTVPSSSLGTQTYICNVNHKPSNTKVDKKVEPKSCDKTHT
;
H
3 'polypeptide(L)'
;SDIQMTQSPSSLSASVGDRVTITCRASQSVSSAVAWYQQKPGKAPKLLIYSASSLYSGVPSRFSGSRSGTDFTLTISSLQ
PEDFATYYCQQSYYYPITFGQGTKVEIKRTVAAPSVFIFPPSDSQLKSGTASVVCLLNNFYPREAKVQWKVDNALQSGNS
QESVTEQDSKDSTYSLSSTLTLSKADYEKHKVYACEVTHQGLSSPVTKSFNRGEC
;
L
4 'polypeptide(L)'
;GAPDLHLFDYSEPGNFSDISWPCNSSDCIVVDTVMCPNMPNKSVLLYTLSFIYIFIFVIGMIANSVVVWVNIQAKTTGYD
THCYILNLAIADLWVVLTIPVWVVSLVQHNQWPMGELTCKVTHLIFSINLFGSIFFLTCMSVDRYLSITYFTNTPSSRKK
MVRRVVCILVWLLAFCVSLPDTYYLKTVTSASNNETYCRSFYPEHSIKEWLIGMELVSVVLGFAVPFSIIAVFYFLLARA
ISASSDQEKHSSRKIIFSYVVVFLVCWLPYHVAVLLDIFSILHYIPFTCRLEHALFTALHVTQCLSLVHCCVNPVLYSFI
NRNYRYELMKAFIFKYGGGGGGGGGGGGSAK(TPO)GL(TPO)KLIDASRVSETEYSALEQSTKGRPLEVLFQGPHHHHH
HHHHHDYKDDDDK
;
R
#
# COMPACT_ATOMS: atom_id res chain seq x y z
N THR A 6 -19.78 -5.64 15.34
CA THR A 6 -18.80 -4.65 14.91
C THR A 6 -18.03 -4.12 16.13
N ARG A 7 -17.39 -2.96 15.97
CA ARG A 7 -16.59 -2.35 17.02
C ARG A 7 -17.50 -1.70 18.05
N VAL A 8 -17.00 -1.65 19.29
CA VAL A 8 -17.68 -0.97 20.40
C VAL A 8 -16.60 -0.33 21.26
N PHE A 9 -16.54 0.99 21.24
CA PHE A 9 -15.58 1.69 22.10
C PHE A 9 -16.04 1.64 23.55
N LYS A 10 -15.07 1.57 24.46
CA LYS A 10 -15.35 1.57 25.89
C LYS A 10 -14.25 2.34 26.61
N LYS A 11 -14.62 2.94 27.74
CA LYS A 11 -13.64 3.62 28.57
C LYS A 11 -14.07 3.57 30.03
N ALA A 12 -13.14 3.19 30.90
CA ALA A 12 -13.43 3.09 32.32
C ALA A 12 -13.13 4.40 33.04
N SER A 13 -13.80 4.61 34.17
CA SER A 13 -13.57 5.79 34.97
C SER A 13 -12.26 5.67 35.73
N PRO A 14 -11.73 6.78 36.27
CA PRO A 14 -10.46 6.70 36.99
C PRO A 14 -10.46 5.67 38.11
N ASN A 15 -11.58 5.52 38.81
CA ASN A 15 -11.69 4.49 39.85
C ASN A 15 -12.00 3.11 39.28
N GLY A 16 -12.25 2.99 37.99
CA GLY A 16 -12.44 1.71 37.35
C GLY A 16 -13.85 1.16 37.38
N LYS A 17 -14.80 1.88 38.00
CA LYS A 17 -16.16 1.38 38.12
C LYS A 17 -17.01 1.74 36.91
N LEU A 18 -17.12 3.04 36.62
CA LEU A 18 -17.95 3.48 35.49
C LEU A 18 -17.27 3.16 34.18
N THR A 19 -17.96 2.43 33.32
CA THR A 19 -17.47 2.07 31.99
C THR A 19 -18.45 2.62 30.97
N VAL A 20 -18.08 3.71 30.31
CA VAL A 20 -18.89 4.31 29.25
C VAL A 20 -18.68 3.51 27.97
N TYR A 21 -19.78 3.10 27.35
CA TYR A 21 -19.75 2.33 26.12
C TYR A 21 -20.37 3.14 24.99
N LEU A 22 -19.71 3.16 23.85
CA LEU A 22 -20.17 3.85 22.65
C LEU A 22 -19.99 2.95 21.44
N GLY A 23 -20.65 3.32 20.35
CA GLY A 23 -20.47 2.63 19.08
C GLY A 23 -19.54 3.37 18.15
N LYS A 24 -19.73 4.68 18.02
CA LYS A 24 -18.98 5.51 17.09
C LYS A 24 -18.53 6.79 17.76
N ARG A 25 -17.43 7.34 17.26
CA ARG A 25 -16.90 8.62 17.71
C ARG A 25 -16.91 9.63 16.57
N ASP A 26 -17.92 9.52 15.71
CA ASP A 26 -18.15 10.47 14.62
C ASP A 26 -19.63 10.51 14.35
N PHE A 27 -20.27 11.65 14.61
CA PHE A 27 -21.70 11.81 14.41
C PHE A 27 -21.94 12.78 13.27
N VAL A 28 -22.40 12.25 12.14
CA VAL A 28 -22.53 13.03 10.91
C VAL A 28 -23.69 14.00 11.07
N ASP A 29 -23.37 15.28 11.16
CA ASP A 29 -24.38 16.32 11.36
C ASP A 29 -25.18 16.50 10.08
N HIS A 30 -26.05 15.55 9.77
CA HIS A 30 -26.87 15.64 8.57
C HIS A 30 -27.61 16.97 8.58
N ILE A 31 -27.56 17.68 7.46
CA ILE A 31 -27.93 19.10 7.41
C ILE A 31 -29.15 19.37 8.27
N ASP A 32 -30.21 18.57 8.09
CA ASP A 32 -31.47 18.84 8.77
C ASP A 32 -31.38 18.55 10.27
N LEU A 33 -30.76 17.42 10.62
CA LEU A 33 -30.78 16.89 11.98
C LEU A 33 -29.35 16.66 12.46
N VAL A 34 -29.19 15.94 13.56
CA VAL A 34 -27.88 15.54 14.05
C VAL A 34 -27.98 14.12 14.58
N GLU A 35 -26.90 13.37 14.41
CA GLU A 35 -26.88 11.99 14.91
C GLU A 35 -26.76 12.01 16.43
N PRO A 36 -27.68 11.39 17.16
CA PRO A 36 -27.61 11.45 18.63
C PRO A 36 -26.45 10.63 19.18
N VAL A 37 -25.94 11.09 20.31
CA VAL A 37 -24.92 10.32 21.04
C VAL A 37 -25.63 9.27 21.86
N ASP A 38 -25.32 8.00 21.62
CA ASP A 38 -25.94 6.91 22.36
C ASP A 38 -24.86 6.07 23.03
N GLY A 39 -25.15 5.63 24.25
CA GLY A 39 -24.21 4.77 24.96
C GLY A 39 -24.86 4.12 26.15
N VAL A 40 -24.06 3.34 26.87
CA VAL A 40 -24.47 2.73 28.13
C VAL A 40 -23.28 2.76 29.09
N VAL A 41 -23.57 3.05 30.36
CA VAL A 41 -22.54 3.18 31.39
C VAL A 41 -22.70 2.03 32.38
N LEU A 42 -21.60 1.35 32.67
CA LEU A 42 -21.57 0.32 33.69
C LEU A 42 -21.57 0.96 35.08
N VAL A 43 -22.31 0.37 36.01
CA VAL A 43 -22.41 0.91 37.36
C VAL A 43 -22.59 -0.24 38.34
N ASP A 44 -21.93 -0.12 39.49
CA ASP A 44 -22.16 -1.01 40.63
C ASP A 44 -22.91 -0.24 41.70
N PRO A 45 -24.15 -0.60 42.03
CA PRO A 45 -24.94 0.24 42.95
C PRO A 45 -24.24 0.47 44.28
N GLU A 46 -23.54 -0.53 44.81
CA GLU A 46 -22.88 -0.37 46.10
C GLU A 46 -21.84 0.75 46.04
N TYR A 47 -21.05 0.78 44.96
CA TYR A 47 -20.05 1.83 44.82
C TYR A 47 -20.70 3.21 44.74
N LEU A 48 -21.81 3.32 44.00
CA LEU A 48 -22.51 4.60 43.88
C LEU A 48 -22.86 5.14 45.26
N LYS A 49 -22.27 6.29 45.62
CA LYS A 49 -22.54 6.92 46.90
C LYS A 49 -23.48 8.11 46.79
N GLU A 50 -23.42 8.86 45.69
CA GLU A 50 -24.33 9.98 45.48
C GLU A 50 -25.74 9.54 45.12
N ARG A 51 -25.94 8.26 44.81
CA ARG A 51 -27.24 7.67 44.47
C ARG A 51 -27.80 8.22 43.17
N ARG A 52 -27.06 9.06 42.44
CA ARG A 52 -27.54 9.66 41.21
C ARG A 52 -26.39 9.71 40.22
N VAL A 53 -26.48 8.91 39.16
CA VAL A 53 -25.50 8.87 38.09
C VAL A 53 -26.13 9.50 36.86
N TYR A 54 -25.42 10.45 36.26
CA TYR A 54 -25.89 11.21 35.12
C TYR A 54 -24.86 11.16 34.00
N VAL A 55 -25.34 11.42 32.78
CA VAL A 55 -24.51 11.50 31.59
C VAL A 55 -24.79 12.85 30.92
N THR A 56 -23.73 13.50 30.43
CA THR A 56 -23.80 14.86 29.91
C THR A 56 -23.07 14.94 28.58
N LEU A 57 -23.51 15.89 27.74
CA LEU A 57 -22.93 16.14 26.42
C LEU A 57 -22.46 17.60 26.38
N THR A 58 -21.15 17.79 26.34
CA THR A 58 -20.54 19.11 26.37
C THR A 58 -20.14 19.52 24.95
N CYS A 59 -20.74 20.59 24.44
CA CYS A 59 -20.33 21.19 23.17
C CYS A 59 -19.57 22.47 23.49
N ALA A 60 -18.26 22.32 23.68
CA ALA A 60 -17.43 23.37 24.26
C ALA A 60 -16.60 24.07 23.18
N PHE A 61 -16.57 25.40 23.24
CA PHE A 61 -15.67 26.21 22.42
C PHE A 61 -14.42 26.49 23.26
N ARG A 62 -13.35 25.75 23.00
CA ARG A 62 -12.13 25.93 23.75
C ARG A 62 -11.18 26.87 23.01
N TYR A 63 -10.25 27.45 23.76
CA TYR A 63 -9.20 28.28 23.19
C TYR A 63 -7.89 28.03 23.94
N PHE A 75 -12.44 31.66 28.19
CA PHE A 75 -12.35 31.09 26.85
C PHE A 75 -13.46 30.06 26.63
N ARG A 76 -13.45 29.02 27.44
CA ARG A 76 -14.39 27.90 27.31
C ARG A 76 -15.79 28.44 27.53
N LYS A 77 -16.58 28.48 26.44
CA LYS A 77 -17.96 28.97 26.48
C LYS A 77 -18.81 27.95 25.73
N ASP A 78 -19.54 27.13 26.47
CA ASP A 78 -20.35 26.08 25.86
C ASP A 78 -21.53 26.67 25.11
N LEU A 79 -22.22 25.79 24.37
CA LEU A 79 -23.40 26.18 23.61
C LEU A 79 -24.56 25.21 23.74
N PHE A 80 -24.32 23.95 24.10
CA PHE A 80 -25.40 23.00 24.35
C PHE A 80 -24.88 21.96 25.32
N VAL A 81 -25.25 22.10 26.60
CA VAL A 81 -24.86 21.16 27.65
C VAL A 81 -26.14 20.55 28.19
N ALA A 82 -26.23 19.23 28.12
CA ALA A 82 -27.43 18.50 28.51
C ALA A 82 -27.07 17.41 29.51
N ASN A 83 -28.07 16.99 30.29
CA ASN A 83 -27.90 15.94 31.28
C ASN A 83 -28.98 14.88 31.10
N VAL A 84 -28.59 13.62 31.25
CA VAL A 84 -29.52 12.49 31.20
C VAL A 84 -29.36 11.69 32.48
N GLN A 85 -30.50 11.35 33.10
CA GLN A 85 -30.51 10.63 34.37
C GLN A 85 -30.27 9.15 34.09
N SER A 86 -29.02 8.71 34.29
CA SER A 86 -28.70 7.29 34.11
C SER A 86 -29.33 6.45 35.21
N PHE A 87 -29.17 6.87 36.46
CA PHE A 87 -29.78 6.12 37.57
C PHE A 87 -30.03 7.04 38.76
N PRO A 88 -31.20 6.97 39.40
CA PRO A 88 -32.36 6.10 39.10
C PRO A 88 -33.08 6.56 37.84
N PRO A 89 -33.76 5.65 37.12
CA PRO A 89 -34.49 6.09 35.93
C PRO A 89 -35.48 7.19 36.26
N ALA A 90 -35.53 8.19 35.39
CA ALA A 90 -36.42 9.33 35.58
C ALA A 90 -37.87 8.88 35.60
N PRO A 96 -36.83 6.28 25.50
CA PRO A 96 -36.69 4.86 25.18
C PRO A 96 -35.22 4.45 25.06
N LEU A 97 -34.96 3.28 24.48
CA LEU A 97 -33.63 2.77 24.28
C LEU A 97 -33.39 2.53 22.79
N THR A 98 -32.11 2.39 22.43
CA THR A 98 -31.70 2.24 21.05
C THR A 98 -31.25 0.80 20.77
N ARG A 99 -31.14 0.49 19.48
CA ARG A 99 -30.81 -0.88 19.07
C ARG A 99 -29.43 -1.29 19.56
N LEU A 100 -28.46 -0.37 19.52
CA LEU A 100 -27.13 -0.69 20.02
C LEU A 100 -27.09 -0.73 21.53
N GLN A 101 -27.85 0.16 22.18
CA GLN A 101 -27.83 0.22 23.64
C GLN A 101 -28.36 -1.07 24.26
N GLU A 102 -29.43 -1.64 23.68
CA GLU A 102 -29.97 -2.87 24.23
C GLU A 102 -28.95 -4.00 24.17
N ARG A 103 -28.23 -4.12 23.05
CA ARG A 103 -27.20 -5.14 22.94
C ARG A 103 -26.04 -4.87 23.90
N LEU A 104 -25.67 -3.60 24.07
CA LEU A 104 -24.62 -3.26 25.03
C LEU A 104 -25.02 -3.68 26.43
N ILE A 105 -26.27 -3.41 26.82
CA ILE A 105 -26.74 -3.81 28.15
C ILE A 105 -26.78 -5.33 28.27
N LYS A 106 -27.22 -6.01 27.21
CA LYS A 106 -27.26 -7.47 27.24
C LYS A 106 -25.87 -8.04 27.48
N LYS A 107 -24.86 -7.51 26.80
CA LYS A 107 -23.49 -7.94 27.05
C LYS A 107 -23.07 -7.61 28.48
N LEU A 108 -23.38 -6.40 28.95
CA LEU A 108 -22.93 -5.98 30.28
C LEU A 108 -23.71 -6.70 31.37
N GLY A 109 -25.03 -6.76 31.24
CA GLY A 109 -25.85 -7.44 32.22
C GLY A 109 -26.84 -6.53 32.94
N GLU A 110 -26.90 -6.68 34.27
CA GLU A 110 -27.87 -5.97 35.10
C GLU A 110 -27.26 -4.78 35.84
N HIS A 111 -26.07 -4.34 35.43
CA HIS A 111 -25.37 -3.27 36.12
C HIS A 111 -25.01 -2.12 35.17
N ALA A 112 -25.70 -2.00 34.04
CA ALA A 112 -25.44 -0.96 33.07
C ALA A 112 -26.73 -0.23 32.73
N TYR A 113 -26.61 1.07 32.46
CA TYR A 113 -27.76 1.92 32.19
C TYR A 113 -27.50 2.76 30.94
N PRO A 114 -28.44 2.84 30.02
CA PRO A 114 -28.20 3.57 28.77
C PRO A 114 -28.43 5.07 28.90
N PHE A 115 -27.99 5.80 27.87
CA PHE A 115 -28.16 7.24 27.80
C PHE A 115 -28.12 7.68 26.35
N THR A 116 -28.97 8.65 26.01
CA THR A 116 -29.10 9.16 24.66
C THR A 116 -29.15 10.69 24.69
N PHE A 117 -28.54 11.32 23.69
CA PHE A 117 -28.51 12.76 23.55
C PHE A 117 -28.86 13.13 22.11
N GLU A 118 -29.82 14.05 21.97
CA GLU A 118 -30.13 14.66 20.68
C GLU A 118 -29.43 16.01 20.60
N ILE A 119 -28.75 16.27 19.49
CA ILE A 119 -28.01 17.51 19.29
C ILE A 119 -28.89 18.43 18.44
N PRO A 120 -29.38 19.54 18.98
CA PRO A 120 -30.31 20.40 18.22
C PRO A 120 -29.62 21.05 17.04
N PRO A 121 -30.39 21.52 16.05
CA PRO A 121 -29.77 22.20 14.90
C PRO A 121 -29.17 23.55 15.27
N ASN A 122 -28.59 24.23 14.28
CA ASN A 122 -27.95 25.53 14.50
C ASN A 122 -26.87 25.43 15.57
N LEU A 123 -26.18 24.29 15.61
CA LEU A 123 -25.05 24.09 16.50
C LEU A 123 -23.77 23.92 15.70
N PRO A 124 -22.62 24.35 16.24
CA PRO A 124 -21.39 24.30 15.44
C PRO A 124 -21.03 22.89 15.02
N CYS A 125 -19.99 22.77 14.19
CA CYS A 125 -19.46 21.49 13.77
C CYS A 125 -18.07 21.34 14.34
N SER A 126 -17.71 20.12 14.73
CA SER A 126 -16.40 19.88 15.32
C SER A 126 -15.31 20.41 14.39
N VAL A 127 -14.60 21.44 14.83
CA VAL A 127 -13.59 22.10 14.01
C VAL A 127 -12.57 22.74 14.93
N THR A 128 -11.32 22.73 14.50
CA THR A 128 -10.22 23.24 15.31
C THR A 128 -9.32 24.11 14.45
N LEU A 129 -8.61 25.02 15.11
CA LEU A 129 -7.66 25.92 14.46
C LEU A 129 -6.26 25.33 14.56
N GLN A 130 -5.53 25.37 13.46
CA GLN A 130 -4.21 24.77 13.41
C GLN A 130 -3.27 25.50 14.37
N PRO A 131 -2.68 24.82 15.36
CA PRO A 131 -1.72 25.49 16.23
C PRO A 131 -0.33 25.62 15.59
N CYS A 140 -8.19 24.92 20.27
CA CYS A 140 -9.12 25.97 19.87
C CYS A 140 -10.37 25.37 19.26
N GLY A 141 -11.36 26.21 18.98
CA GLY A 141 -12.51 25.77 18.22
C GLY A 141 -13.49 24.94 19.03
N VAL A 142 -14.45 24.37 18.32
CA VAL A 142 -15.56 23.66 18.95
C VAL A 142 -15.20 22.20 19.14
N ASP A 143 -15.87 21.56 20.11
CA ASP A 143 -15.58 20.18 20.47
C ASP A 143 -16.83 19.57 21.09
N TYR A 144 -16.98 18.25 20.96
CA TYR A 144 -18.09 17.50 21.54
C TYR A 144 -17.56 16.37 22.41
N GLU A 145 -18.08 16.28 23.63
CA GLU A 145 -17.60 15.30 24.60
C GLU A 145 -18.79 14.70 25.34
N VAL A 146 -18.64 13.44 25.75
CA VAL A 146 -19.64 12.72 26.53
C VAL A 146 -19.02 12.40 27.88
N LYS A 147 -19.58 12.95 28.95
CA LYS A 147 -19.00 12.81 30.28
C LYS A 147 -20.05 12.23 31.22
N ALA A 148 -19.74 11.09 31.82
CA ALA A 148 -20.61 10.41 32.76
C ALA A 148 -20.03 10.55 34.17
N PHE A 149 -20.88 10.93 35.12
CA PHE A 149 -20.42 11.19 36.47
C PHE A 149 -21.52 10.84 37.47
N CYS A 150 -21.10 10.49 38.68
CA CYS A 150 -22.02 10.13 39.76
C CYS A 150 -22.37 11.40 40.51
N ALA A 151 -23.57 11.93 40.26
CA ALA A 151 -24.04 13.13 40.94
C ALA A 151 -25.51 13.39 40.61
N LYS A 160 -14.21 14.82 39.59
CA LYS A 160 -12.84 14.36 39.74
C LYS A 160 -12.76 12.84 39.51
N ARG A 161 -12.59 12.07 40.59
CA ARG A 161 -12.53 10.62 40.45
C ARG A 161 -13.82 10.03 39.93
N ASN A 162 -14.93 10.76 40.01
CA ASN A 162 -16.24 10.29 39.60
C ASN A 162 -16.67 10.89 38.27
N SER A 163 -15.73 11.06 37.34
CA SER A 163 -16.02 11.63 36.02
C SER A 163 -15.24 10.88 34.96
N VAL A 164 -15.94 10.42 33.93
CA VAL A 164 -15.32 9.72 32.80
C VAL A 164 -15.73 10.42 31.51
N ARG A 165 -14.75 10.78 30.70
CA ARG A 165 -14.96 11.61 29.51
C ARG A 165 -14.50 10.87 28.26
N LEU A 166 -15.35 10.89 27.23
CA LEU A 166 -15.02 10.29 25.94
C LEU A 166 -15.33 11.31 24.85
N VAL A 167 -14.33 11.64 24.05
CA VAL A 167 -14.53 12.60 22.97
C VAL A 167 -15.40 11.98 21.89
N ILE A 168 -16.07 12.84 21.12
CA ILE A 168 -16.75 12.45 19.91
C ILE A 168 -16.56 13.56 18.89
N ARG A 169 -17.17 13.40 17.72
CA ARG A 169 -17.13 14.42 16.69
C ARG A 169 -18.51 14.62 16.10
N LYS A 170 -18.94 15.87 16.02
CA LYS A 170 -20.05 16.28 15.21
C LYS A 170 -19.48 16.92 13.95
N VAL A 171 -19.70 16.28 12.81
CA VAL A 171 -19.06 16.67 11.55
C VAL A 171 -20.07 16.48 10.43
N GLN A 172 -19.74 17.04 9.26
CA GLN A 172 -20.68 17.12 8.15
C GLN A 172 -20.03 16.59 6.88
N TYR A 173 -20.76 15.76 6.15
CA TYR A 173 -20.26 15.26 4.87
C TYR A 173 -20.34 16.35 3.81
N ALA A 174 -19.70 16.10 2.68
CA ALA A 174 -19.86 16.98 1.54
C ALA A 174 -21.27 16.85 0.99
N PRO A 175 -21.82 17.92 0.40
CA PRO A 175 -23.20 17.82 -0.13
C PRO A 175 -23.29 16.74 -1.20
N GLU A 176 -24.47 16.13 -1.27
CA GLU A 176 -24.62 14.95 -2.11
C GLU A 176 -24.37 15.24 -3.58
N ARG A 177 -24.89 16.37 -4.08
CA ARG A 177 -24.86 16.64 -5.51
C ARG A 177 -24.10 17.93 -5.80
N PRO A 178 -23.41 18.00 -6.94
CA PRO A 178 -22.60 19.20 -7.24
C PRO A 178 -23.47 20.45 -7.40
N GLY A 179 -22.90 21.58 -7.04
CA GLY A 179 -23.57 22.86 -7.17
C GLY A 179 -23.27 23.53 -8.49
N PRO A 180 -23.69 24.78 -8.64
CA PRO A 180 -23.40 25.51 -9.89
C PRO A 180 -21.91 25.76 -10.07
N GLN A 181 -21.50 25.76 -11.34
CA GLN A 181 -20.10 25.99 -11.66
C GLN A 181 -19.69 27.39 -11.25
N PRO A 182 -18.67 27.56 -10.41
CA PRO A 182 -18.19 28.92 -10.10
C PRO A 182 -17.70 29.63 -11.36
N THR A 183 -18.00 30.93 -11.43
CA THR A 183 -17.61 31.76 -12.56
C THR A 183 -17.52 33.21 -12.08
N ALA A 184 -16.54 33.95 -12.57
CA ALA A 184 -16.39 35.34 -12.15
C ALA A 184 -15.57 36.09 -13.18
N GLU A 185 -16.15 37.17 -13.73
CA GLU A 185 -15.50 37.99 -14.74
C GLU A 185 -15.38 39.43 -14.25
N THR A 186 -14.25 40.05 -14.57
CA THR A 186 -13.93 41.40 -14.15
C THR A 186 -13.52 42.23 -15.35
N THR A 187 -13.67 43.55 -15.22
CA THR A 187 -13.31 44.49 -16.27
C THR A 187 -12.56 45.66 -15.65
N ARG A 188 -11.47 46.06 -16.31
CA ARG A 188 -10.64 47.17 -15.84
C ARG A 188 -10.46 48.17 -16.97
N GLN A 189 -10.86 49.42 -16.73
CA GLN A 189 -10.74 50.47 -17.73
C GLN A 189 -10.27 51.77 -17.09
N ASP A 194 -7.99 54.03 -22.33
CA ASP A 194 -9.41 53.77 -22.09
C ASP A 194 -9.83 52.49 -22.77
N LYS A 195 -9.30 51.37 -22.29
CA LYS A 195 -9.59 50.05 -22.87
C LYS A 195 -9.73 49.04 -21.74
N PRO A 196 -10.45 47.95 -21.98
CA PRO A 196 -10.69 46.97 -20.92
C PRO A 196 -9.52 46.01 -20.74
N LEU A 197 -9.54 45.31 -19.61
CA LEU A 197 -8.63 44.22 -19.32
C LEU A 197 -9.47 42.97 -19.06
N HIS A 198 -10.40 42.68 -19.97
CA HIS A 198 -11.50 41.78 -19.68
C HIS A 198 -11.01 40.42 -19.23
N LEU A 199 -11.20 40.08 -17.96
CA LEU A 199 -10.69 38.85 -17.39
C LEU A 199 -11.85 37.97 -16.92
N GLU A 200 -11.61 36.66 -16.90
CA GLU A 200 -12.58 35.71 -16.40
C GLU A 200 -11.84 34.55 -15.75
N ALA A 201 -12.39 34.05 -14.65
CA ALA A 201 -11.87 32.86 -13.97
C ALA A 201 -13.04 31.96 -13.62
N SER A 202 -12.77 30.66 -13.54
CA SER A 202 -13.83 29.72 -13.20
C SER A 202 -13.22 28.42 -12.67
N LEU A 203 -14.06 27.63 -12.01
CA LEU A 203 -13.72 26.29 -11.55
C LEU A 203 -14.77 25.32 -12.09
N ASP A 204 -14.35 24.08 -12.34
CA ASP A 204 -15.24 23.14 -13.02
C ASP A 204 -16.53 22.91 -12.24
N LYS A 205 -16.42 22.74 -10.92
CA LYS A 205 -17.59 22.58 -10.05
C LYS A 205 -17.22 23.06 -8.66
N GLU A 206 -18.21 23.04 -7.76
CA GLU A 206 -18.07 23.65 -6.44
C GLU A 206 -17.69 22.64 -5.36
N ILE A 207 -18.29 21.45 -5.37
CA ILE A 207 -18.04 20.44 -4.34
C ILE A 207 -16.74 19.73 -4.70
N TYR A 208 -15.70 19.97 -3.90
CA TYR A 208 -14.40 19.34 -4.10
C TYR A 208 -13.91 18.78 -2.77
N TYR A 209 -13.52 17.50 -2.79
CA TYR A 209 -13.10 16.82 -1.58
C TYR A 209 -11.70 17.28 -1.18
N HIS A 210 -11.30 16.89 0.02
CA HIS A 210 -9.97 17.25 0.50
C HIS A 210 -8.91 16.52 -0.30
N GLY A 211 -7.79 17.19 -0.53
CA GLY A 211 -6.70 16.59 -1.29
C GLY A 211 -7.07 16.28 -2.72
N GLU A 212 -7.84 17.14 -3.36
CA GLU A 212 -8.24 16.99 -4.75
C GLU A 212 -7.90 18.27 -5.51
N PRO A 213 -7.49 18.15 -6.78
CA PRO A 213 -7.07 19.36 -7.50
C PRO A 213 -8.21 20.08 -8.17
N ILE A 214 -8.37 21.36 -7.84
CA ILE A 214 -9.37 22.23 -8.47
C ILE A 214 -8.74 22.82 -9.73
N SER A 215 -9.50 22.79 -10.83
CA SER A 215 -9.05 23.31 -12.11
C SER A 215 -9.55 24.74 -12.26
N VAL A 216 -8.63 25.67 -12.46
CA VAL A 216 -8.94 27.10 -12.59
C VAL A 216 -8.79 27.47 -14.06
N ASN A 217 -9.91 27.66 -14.74
CA ASN A 217 -9.90 28.12 -16.12
C ASN A 217 -9.78 29.64 -16.13
N VAL A 218 -8.76 30.16 -16.81
CA VAL A 218 -8.48 31.58 -16.92
C VAL A 218 -8.66 31.99 -18.37
N HIS A 219 -9.38 33.10 -18.58
CA HIS A 219 -9.64 33.62 -19.92
C HIS A 219 -9.42 35.13 -19.88
N VAL A 220 -8.35 35.59 -20.50
CA VAL A 220 -7.98 37.00 -20.47
C VAL A 220 -8.11 37.58 -21.87
N THR A 221 -8.45 38.87 -21.92
CA THR A 221 -8.44 39.64 -23.16
C THR A 221 -7.95 41.03 -22.78
N ASN A 222 -6.66 41.29 -23.00
CA ASN A 222 -6.04 42.57 -22.66
C ASN A 222 -6.06 43.44 -23.90
N ASN A 223 -7.11 44.27 -24.01
CA ASN A 223 -7.12 45.33 -25.00
C ASN A 223 -6.33 46.55 -24.54
N THR A 224 -5.97 46.60 -23.26
CA THR A 224 -5.21 47.72 -22.75
C THR A 224 -3.77 47.68 -23.27
N ASN A 225 -3.09 48.82 -23.15
CA ASN A 225 -1.71 48.93 -23.60
C ASN A 225 -0.72 48.43 -22.57
N LYS A 226 -1.17 48.00 -21.39
CA LYS A 226 -0.29 47.52 -20.34
C LYS A 226 -0.14 46.01 -20.44
N THR A 227 1.11 45.55 -20.57
CA THR A 227 1.38 44.13 -20.65
C THR A 227 1.03 43.44 -19.34
N VAL A 228 0.44 42.25 -19.43
CA VAL A 228 0.08 41.47 -18.25
C VAL A 228 1.36 40.89 -17.66
N LYS A 229 1.88 41.55 -16.62
CA LYS A 229 3.16 41.14 -16.06
C LYS A 229 3.11 39.72 -15.52
N LYS A 230 2.03 39.37 -14.81
CA LYS A 230 1.96 38.06 -14.16
C LYS A 230 0.51 37.74 -13.85
N ILE A 231 0.23 36.46 -13.65
CA ILE A 231 -1.09 36.00 -13.24
C ILE A 231 -0.93 35.21 -11.95
N LYS A 232 -1.89 35.36 -11.04
CA LYS A 232 -1.90 34.66 -9.76
C LYS A 232 -3.22 33.93 -9.62
N ILE A 233 -3.15 32.65 -9.27
CA ILE A 233 -4.32 31.87 -8.89
C ILE A 233 -4.07 31.35 -7.49
N SER A 234 -4.87 31.79 -6.53
CA SER A 234 -4.70 31.43 -5.14
C SER A 234 -6.01 30.89 -4.59
N VAL A 235 -5.91 30.14 -3.51
CA VAL A 235 -7.06 29.65 -2.76
C VAL A 235 -6.83 29.97 -1.30
N ARG A 236 -7.80 30.65 -0.69
CA ARG A 236 -7.70 31.13 0.68
C ARG A 236 -8.85 30.58 1.50
N GLN A 237 -8.57 30.34 2.78
CA GLN A 237 -9.54 29.82 3.74
C GLN A 237 -9.75 30.86 4.82
N TYR A 238 -11.00 31.28 5.00
CA TYR A 238 -11.39 32.23 6.04
C TYR A 238 -12.18 31.48 7.10
N ALA A 239 -11.81 31.70 8.37
CA ALA A 239 -12.44 31.02 9.50
C ALA A 239 -12.99 32.09 10.44
N ASP A 240 -14.20 32.55 10.18
CA ASP A 240 -14.86 33.50 11.06
C ASP A 240 -15.11 32.85 12.41
N ILE A 241 -14.94 33.62 13.48
CA ILE A 241 -15.19 33.15 14.83
C ILE A 241 -16.36 33.93 15.41
N CYS A 242 -17.56 33.38 15.29
CA CYS A 242 -18.77 34.06 15.77
C CYS A 242 -18.95 33.87 17.27
N THR A 246 -16.44 38.54 17.04
CA THR A 246 -16.35 38.20 15.62
C THR A 246 -14.95 38.49 15.08
N ALA A 247 -14.22 37.43 14.73
CA ALA A 247 -12.88 37.55 14.19
C ALA A 247 -12.74 36.61 13.00
N GLN A 248 -11.89 37.01 12.06
CA GLN A 248 -11.66 36.23 10.85
C GLN A 248 -10.34 36.65 10.23
N TYR A 249 -9.84 35.81 9.34
CA TYR A 249 -8.57 36.07 8.66
C TYR A 249 -8.65 35.46 7.27
N LYS A 250 -7.50 35.34 6.60
CA LYS A 250 -7.48 34.85 5.22
C LYS A 250 -6.18 34.08 5.01
N CYS A 251 -6.25 32.75 5.14
CA CYS A 251 -5.09 31.89 5.02
C CYS A 251 -5.02 31.34 3.61
N PRO A 252 -3.95 31.63 2.84
CA PRO A 252 -3.88 31.09 1.47
C PRO A 252 -3.45 29.63 1.45
N VAL A 253 -4.41 28.73 1.23
CA VAL A 253 -4.07 27.30 1.18
C VAL A 253 -3.29 26.98 -0.08
N ALA A 254 -3.64 27.62 -1.20
CA ALA A 254 -3.02 27.31 -2.48
C ALA A 254 -2.48 28.57 -3.12
N MET A 255 -1.32 28.47 -3.77
CA MET A 255 -0.74 29.57 -4.53
C MET A 255 -0.21 29.04 -5.84
N GLU A 256 -0.38 29.84 -6.90
CA GLU A 256 0.24 29.52 -8.19
C GLU A 256 0.40 30.85 -8.94
N GLU A 257 1.61 31.40 -8.91
CA GLU A 257 1.94 32.65 -9.58
C GLU A 257 2.66 32.30 -10.88
N ALA A 258 1.92 32.32 -11.99
CA ALA A 258 2.47 32.01 -13.29
C ALA A 258 2.83 33.28 -14.04
N ASP A 259 3.82 33.16 -14.93
CA ASP A 259 4.28 34.28 -15.75
C ASP A 259 3.70 34.23 -17.15
N ASP A 260 2.45 33.78 -17.29
CA ASP A 260 1.81 33.66 -18.59
C ASP A 260 1.42 35.05 -19.09
N THR A 261 2.45 35.83 -19.42
CA THR A 261 2.24 37.19 -19.90
C THR A 261 1.42 37.19 -21.18
N VAL A 262 0.47 38.11 -21.25
CA VAL A 262 -0.37 38.31 -22.42
C VAL A 262 -0.10 39.73 -22.90
N ALA A 263 0.51 39.86 -24.08
CA ALA A 263 0.95 41.15 -24.55
C ALA A 263 -0.26 42.06 -24.77
N PRO A 264 -0.05 43.38 -24.80
CA PRO A 264 -1.17 44.29 -24.98
C PRO A 264 -1.95 43.99 -26.25
N SER A 265 -3.27 44.12 -26.17
CA SER A 265 -4.16 43.85 -27.29
C SER A 265 -4.02 42.39 -27.75
N SER A 266 -4.29 41.48 -26.83
CA SER A 266 -4.19 40.06 -27.14
C SER A 266 -5.04 39.26 -26.16
N THR A 267 -5.44 38.07 -26.59
CA THR A 267 -6.28 37.20 -25.79
C THR A 267 -5.42 36.11 -25.13
N PHE A 268 -6.08 35.25 -24.35
CA PHE A 268 -5.39 34.19 -23.64
C PHE A 268 -6.41 33.27 -23.03
N CYS A 269 -6.13 31.97 -23.03
CA CYS A 269 -7.03 30.98 -22.46
C CYS A 269 -6.19 29.81 -21.96
N LYS A 270 -6.38 29.43 -20.69
CA LYS A 270 -5.56 28.39 -20.09
C LYS A 270 -6.34 27.73 -18.96
N VAL A 271 -5.87 26.55 -18.54
CA VAL A 271 -6.50 25.77 -17.49
C VAL A 271 -5.42 25.40 -16.48
N TYR A 272 -5.30 26.17 -15.41
CA TYR A 272 -4.39 25.85 -14.33
C TYR A 272 -5.00 24.78 -13.42
N THR A 273 -4.16 24.20 -12.57
CA THR A 273 -4.60 23.21 -11.59
C THR A 273 -3.94 23.50 -10.26
N LEU A 274 -4.75 23.69 -9.22
CA LEU A 274 -4.25 23.95 -7.87
C LEU A 274 -4.84 22.92 -6.93
N THR A 275 -3.98 22.31 -6.11
CA THR A 275 -4.44 21.30 -5.17
C THR A 275 -4.30 21.82 -3.74
N PRO A 276 -5.40 22.08 -3.03
CA PRO A 276 -5.30 22.45 -1.61
C PRO A 276 -5.23 21.23 -0.70
N PHE A 277 -4.13 21.09 0.03
CA PHE A 277 -3.99 20.07 1.05
C PHE A 277 -2.97 20.54 2.07
N LEU A 278 -2.73 19.69 3.07
CA LEU A 278 -1.92 20.04 4.23
C LEU A 278 -0.43 19.77 4.03
N ALA A 279 -0.04 19.35 2.83
CA ALA A 279 1.38 19.04 2.59
C ALA A 279 2.26 20.24 2.92
N ASN A 280 1.81 21.44 2.58
CA ASN A 280 2.62 22.64 2.70
C ASN A 280 2.04 23.66 3.67
N ASN A 281 0.90 23.37 4.31
CA ASN A 281 0.27 24.28 5.25
C ASN A 281 0.64 23.94 6.70
N ARG A 282 1.80 23.32 6.91
CA ARG A 282 2.18 22.93 8.27
C ARG A 282 2.58 24.13 9.10
N GLU A 283 3.24 25.12 8.49
CA GLU A 283 3.68 26.29 9.24
C GLU A 283 2.53 27.25 9.54
N LYS A 284 1.49 27.26 8.71
CA LYS A 284 0.43 28.25 8.82
C LYS A 284 -0.36 27.98 10.10
N ARG A 285 -0.05 28.73 11.15
CA ARG A 285 -0.78 28.62 12.40
C ARG A 285 -2.11 29.37 12.29
N GLY A 286 -3.17 28.75 12.77
CA GLY A 286 -4.51 29.32 12.71
C GLY A 286 -5.39 28.74 11.62
N LEU A 287 -4.83 27.95 10.71
CA LEU A 287 -5.65 27.33 9.67
C LEU A 287 -6.72 26.46 10.31
N ALA A 288 -7.94 26.56 9.79
CA ALA A 288 -9.06 25.80 10.33
C ALA A 288 -8.92 24.35 9.93
N LEU A 289 -8.54 23.51 10.89
CA LEU A 289 -8.47 22.07 10.69
C LEU A 289 -9.79 21.42 11.09
N ASP A 290 -10.06 20.26 10.51
CA ASP A 290 -11.34 19.59 10.72
C ASP A 290 -11.39 18.98 12.12
N GLY A 291 -12.47 18.26 12.41
CA GLY A 291 -12.68 17.74 13.74
C GLY A 291 -11.76 16.57 14.05
N LYS A 292 -11.18 16.59 15.24
CA LYS A 292 -10.27 15.57 15.70
C LYS A 292 -10.90 14.77 16.84
N LEU A 293 -10.28 13.63 17.13
CA LEU A 293 -10.49 12.92 18.38
C LEU A 293 -9.32 13.08 19.34
N LYS A 294 -8.11 13.20 18.80
CA LYS A 294 -6.90 13.33 19.59
C LYS A 294 -5.91 14.15 18.78
N HIS A 295 -4.61 14.05 19.12
CA HIS A 295 -3.56 14.74 18.39
C HIS A 295 -3.39 14.21 16.97
N GLU A 296 -4.25 13.27 16.56
CA GLU A 296 -4.18 12.74 15.21
C GLU A 296 -4.15 13.86 14.17
N ASP A 297 -3.59 13.55 13.00
CA ASP A 297 -3.48 14.50 11.91
C ASP A 297 -4.75 14.45 11.07
N THR A 298 -5.39 15.60 10.89
CA THR A 298 -6.61 15.73 10.12
C THR A 298 -6.37 16.65 8.93
N ASN A 299 -7.44 16.88 8.17
CA ASN A 299 -7.39 17.64 6.93
C ASN A 299 -7.91 19.05 7.17
N LEU A 300 -8.05 19.81 6.07
CA LEU A 300 -8.57 21.16 6.14
C LEU A 300 -10.00 21.16 6.66
N ALA A 301 -10.32 22.09 7.54
CA ALA A 301 -11.66 22.17 8.10
C ALA A 301 -12.67 22.22 6.97
N SER A 302 -13.49 21.17 6.84
CA SER A 302 -14.52 21.15 5.82
C SER A 302 -15.33 22.43 5.88
N SER A 303 -15.70 22.94 4.72
CA SER A 303 -16.40 24.23 4.66
C SER A 303 -17.67 24.15 5.49
N THR A 304 -17.88 25.16 6.33
CA THR A 304 -19.01 25.15 7.26
C THR A 304 -20.30 25.34 6.48
N LEU A 305 -20.97 24.22 6.20
CA LEU A 305 -22.28 24.30 5.56
C LEU A 305 -23.27 25.00 6.51
N LEU A 306 -24.25 25.67 5.91
CA LEU A 306 -25.25 26.38 6.69
C LEU A 306 -26.57 26.36 5.93
N ARG A 307 -27.66 26.36 6.69
CA ARG A 307 -29.00 26.31 6.12
C ARG A 307 -29.59 27.71 5.99
N ARG A 312 -27.05 32.83 10.16
CA ARG A 312 -25.64 33.25 10.22
C ARG A 312 -25.12 33.18 11.65
N GLU A 313 -25.93 33.64 12.60
CA GLU A 313 -25.51 33.81 13.98
C GLU A 313 -25.41 32.44 14.66
N ILE A 314 -24.45 31.66 14.18
CA ILE A 314 -24.10 30.36 14.76
C ILE A 314 -22.72 30.50 15.39
N LEU A 315 -22.64 30.33 16.70
CA LEU A 315 -21.38 30.48 17.41
C LEU A 315 -20.39 29.42 16.96
N GLY A 316 -19.17 29.47 17.47
CA GLY A 316 -18.15 28.53 17.07
C GLY A 316 -17.24 29.10 16.00
N ILE A 317 -17.23 28.49 14.82
CA ILE A 317 -16.45 28.97 13.70
C ILE A 317 -17.19 28.63 12.41
N ILE A 318 -17.14 29.56 11.45
CA ILE A 318 -17.69 29.37 10.12
C ILE A 318 -16.54 29.49 9.13
N VAL A 319 -16.27 28.41 8.39
CA VAL A 319 -15.10 28.31 7.53
C VAL A 319 -15.56 28.26 6.08
N SER A 320 -14.84 28.98 5.20
CA SER A 320 -15.14 28.95 3.78
C SER A 320 -13.85 29.13 2.99
N TYR A 321 -13.90 28.73 1.71
CA TYR A 321 -12.75 28.77 0.83
C TYR A 321 -13.10 29.51 -0.46
N LYS A 322 -12.16 30.34 -0.92
CA LYS A 322 -12.36 31.13 -2.14
C LYS A 322 -11.14 31.01 -3.04
N VAL A 323 -11.39 30.94 -4.36
CA VAL A 323 -10.34 30.94 -5.36
C VAL A 323 -10.29 32.33 -5.99
N LYS A 324 -9.10 32.93 -5.96
CA LYS A 324 -8.87 34.31 -6.37
C LYS A 324 -7.91 34.31 -7.56
N VAL A 325 -8.32 34.95 -8.65
CA VAL A 325 -7.50 35.17 -9.82
C VAL A 325 -7.13 36.65 -9.82
N LYS A 326 -5.85 36.94 -9.64
CA LYS A 326 -5.35 38.32 -9.55
C LYS A 326 -4.29 38.53 -10.62
N LEU A 327 -4.53 39.48 -11.52
CA LEU A 327 -3.60 39.79 -12.59
C LEU A 327 -2.71 40.95 -12.15
N VAL A 328 -1.41 40.70 -12.08
CA VAL A 328 -0.43 41.73 -11.75
C VAL A 328 -0.03 42.39 -13.06
N VAL A 329 -0.32 43.68 -13.18
CA VAL A 329 -0.09 44.42 -14.42
C VAL A 329 0.94 45.51 -14.15
N SER A 330 1.60 45.94 -15.22
CA SER A 330 2.59 47.01 -15.15
C SER A 330 1.95 48.31 -14.67
N SER A 341 -2.35 48.83 -9.43
CA SER A 341 -2.42 48.51 -10.85
C SER A 341 -2.48 47.01 -11.06
N ASP A 342 -3.32 46.33 -10.27
CA ASP A 342 -3.54 44.90 -10.40
C ASP A 342 -5.02 44.61 -10.29
N VAL A 343 -5.51 43.73 -11.15
CA VAL A 343 -6.93 43.40 -11.23
C VAL A 343 -7.19 42.16 -10.39
N ALA A 344 -8.41 42.04 -9.88
CA ALA A 344 -8.80 40.93 -9.02
C ALA A 344 -10.16 40.39 -9.44
N VAL A 345 -10.33 39.08 -9.23
CA VAL A 345 -11.63 38.44 -9.37
C VAL A 345 -11.60 37.20 -8.48
N GLU A 346 -12.78 36.74 -8.07
CA GLU A 346 -12.84 35.66 -7.09
C GLU A 346 -14.13 34.87 -7.25
N LEU A 347 -14.12 33.65 -6.70
CA LEU A 347 -15.34 32.85 -6.62
C LEU A 347 -15.18 31.85 -5.49
N PRO A 348 -16.23 31.59 -4.71
CA PRO A 348 -16.09 30.67 -3.59
C PRO A 348 -16.39 29.22 -3.95
N PHE A 349 -15.71 28.32 -3.25
CA PHE A 349 -16.02 26.89 -3.33
C PHE A 349 -15.97 26.32 -1.93
N THR A 350 -16.65 25.19 -1.75
CA THR A 350 -16.83 24.54 -0.46
C THR A 350 -16.03 23.24 -0.45
N LEU A 351 -14.97 23.22 0.36
CA LEU A 351 -14.12 22.03 0.50
C LEU A 351 -14.61 21.20 1.69
N MET A 352 -14.90 19.92 1.44
CA MET A 352 -15.37 19.03 2.51
C MET A 352 -14.82 17.64 2.26
N HIS A 353 -15.29 16.68 3.06
CA HIS A 353 -14.96 15.27 2.90
C HIS A 353 -16.10 14.55 2.19
N PRO A 354 -15.82 13.45 1.52
CA PRO A 354 -16.86 12.70 0.82
C PRO A 354 -17.70 11.88 1.80
N LYS A 355 -18.72 11.22 1.26
CA LYS A 355 -19.57 10.34 2.05
C LYS A 355 -19.20 8.90 1.75
N PRO A 356 -18.52 8.18 2.65
CA PRO A 356 -18.24 6.77 2.38
C PRO A 356 -19.52 5.98 2.15
N LYS A 357 -19.45 5.04 1.20
CA LYS A 357 -20.60 4.23 0.86
C LYS A 357 -20.21 3.11 -0.10
N GLU B 4 -12.43 2.88 -11.89
CA GLU B 4 -11.67 1.93 -11.09
C GLU B 4 -10.31 2.51 -10.71
N VAL B 5 -9.68 1.90 -9.71
CA VAL B 5 -8.37 2.31 -9.23
C VAL B 5 -7.32 1.37 -9.80
N GLN B 6 -6.25 1.93 -10.35
CA GLN B 6 -5.18 1.11 -10.93
C GLN B 6 -3.90 1.92 -10.95
N LEU B 7 -2.80 1.27 -10.59
CA LEU B 7 -1.48 1.90 -10.62
C LEU B 7 -0.65 1.25 -11.72
N VAL B 8 0.12 2.08 -12.42
CA VAL B 8 0.95 1.62 -13.53
C VAL B 8 2.38 2.08 -13.30
N GLU B 9 3.31 1.14 -13.36
CA GLU B 9 4.73 1.41 -13.12
C GLU B 9 5.47 1.51 -14.44
N SER B 10 6.42 2.43 -14.50
CA SER B 10 7.27 2.58 -15.68
C SER B 10 8.67 2.94 -15.22
N GLY B 11 9.65 2.60 -16.05
CA GLY B 11 11.04 2.81 -15.72
C GLY B 11 11.78 1.51 -15.45
N GLY B 12 11.41 0.47 -16.18
CA GLY B 12 12.03 -0.84 -16.02
C GLY B 12 12.98 -1.19 -17.13
N GLY B 13 14.28 -1.16 -16.84
CA GLY B 13 15.28 -1.46 -17.85
C GLY B 13 16.64 -1.59 -17.21
N LEU B 14 17.58 -2.07 -18.01
CA LEU B 14 18.91 -2.37 -17.51
C LEU B 14 19.62 -1.09 -17.10
N VAL B 15 20.18 -1.09 -15.89
CA VAL B 15 20.94 0.04 -15.38
C VAL B 15 22.18 -0.51 -14.70
N GLN B 16 23.34 0.05 -15.02
CA GLN B 16 24.57 -0.45 -14.46
C GLN B 16 24.58 -0.21 -12.94
N PRO B 17 25.35 -1.00 -12.20
CA PRO B 17 25.43 -0.79 -10.75
C PRO B 17 25.85 0.63 -10.44
N GLY B 18 25.17 1.22 -9.45
CA GLY B 18 25.38 2.61 -9.10
C GLY B 18 24.69 3.60 -10.01
N GLY B 19 23.99 3.12 -11.03
CA GLY B 19 23.32 4.00 -11.96
C GLY B 19 22.12 4.69 -11.35
N SER B 20 21.22 5.19 -12.20
CA SER B 20 20.03 5.89 -11.74
C SER B 20 18.85 5.47 -12.59
N LEU B 21 17.71 5.28 -11.94
CA LEU B 21 16.46 5.04 -12.63
C LEU B 21 15.40 5.86 -11.92
N ARG B 22 14.35 6.22 -12.64
CA ARG B 22 13.24 6.95 -12.04
C ARG B 22 11.98 6.14 -12.30
N LEU B 23 11.61 5.32 -11.33
CA LEU B 23 10.36 4.57 -11.43
C LEU B 23 9.19 5.52 -11.21
N SER B 24 8.23 5.47 -12.11
CA SER B 24 7.04 6.32 -12.03
C SER B 24 5.84 5.42 -11.82
N CYS B 25 5.10 5.66 -10.75
CA CYS B 25 3.85 4.97 -10.48
C CYS B 25 2.73 5.98 -10.74
N ALA B 26 2.10 5.85 -11.90
CA ALA B 26 0.96 6.67 -12.26
C ALA B 26 -0.29 6.03 -11.69
N ALA B 27 -1.02 6.80 -10.86
CA ALA B 27 -2.17 6.30 -10.13
C ALA B 27 -3.44 6.83 -10.78
N SER B 28 -4.42 5.94 -10.98
CA SER B 28 -5.70 6.29 -11.55
C SER B 28 -6.80 5.84 -10.61
N GLY B 29 -7.87 6.62 -10.55
CA GLY B 29 -9.00 6.32 -9.69
C GLY B 29 -8.89 6.86 -8.27
N PHE B 30 -7.85 7.63 -7.97
CA PHE B 30 -7.68 8.18 -6.63
C PHE B 30 -6.50 9.14 -6.65
N ASN B 31 -6.59 10.18 -5.82
CA ASN B 31 -5.49 11.12 -5.71
C ASN B 31 -4.36 10.50 -4.90
N VAL B 32 -3.13 10.95 -5.16
CA VAL B 32 -2.00 10.57 -4.33
C VAL B 32 -2.10 11.16 -2.94
N SER B 33 -3.06 12.06 -2.71
CA SER B 33 -3.27 12.69 -1.42
C SER B 33 -4.36 12.00 -0.59
N SER B 34 -5.26 11.27 -1.23
CA SER B 34 -6.27 10.47 -0.56
C SER B 34 -5.83 9.01 -0.44
N SER B 35 -4.54 8.77 -0.27
CA SER B 35 -4.01 7.41 -0.28
C SER B 35 -2.56 7.45 0.16
N TYR B 36 -2.09 6.29 0.64
CA TYR B 36 -0.67 6.04 0.81
C TYR B 36 -0.21 5.20 -0.37
N ILE B 37 0.71 5.74 -1.16
CA ILE B 37 1.26 5.02 -2.31
C ILE B 37 2.49 4.27 -1.83
N HIS B 38 2.50 2.96 -2.00
CA HIS B 38 3.58 2.08 -1.57
C HIS B 38 4.28 1.49 -2.79
N TRP B 39 5.60 1.52 -2.78
CA TRP B 39 6.44 0.79 -3.72
C TRP B 39 6.95 -0.46 -3.02
N VAL B 40 6.69 -1.63 -3.63
CA VAL B 40 7.10 -2.92 -3.11
C VAL B 40 8.00 -3.57 -4.15
N ARG B 41 9.06 -4.24 -3.71
CA ARG B 41 9.97 -4.93 -4.62
C ARG B 41 10.16 -6.36 -4.17
N GLN B 42 10.19 -7.28 -5.12
CA GLN B 42 10.47 -8.68 -4.84
C GLN B 42 11.70 -9.12 -5.62
N ALA B 43 12.67 -9.68 -4.92
CA ALA B 43 13.91 -10.09 -5.56
C ALA B 43 13.60 -11.18 -6.57
N PRO B 44 14.60 -11.66 -7.33
CA PRO B 44 14.31 -12.74 -8.30
C PRO B 44 13.99 -14.06 -7.62
N GLY B 45 12.72 -14.47 -7.68
CA GLY B 45 12.28 -15.69 -7.03
C GLY B 45 12.58 -15.68 -5.54
N LYS B 46 11.93 -14.80 -4.80
CA LYS B 46 12.23 -14.61 -3.39
C LYS B 46 11.04 -13.96 -2.72
N GLY B 47 11.06 -13.95 -1.39
CA GLY B 47 9.97 -13.37 -0.63
C GLY B 47 9.87 -11.87 -0.82
N LEU B 48 8.67 -11.36 -0.62
CA LEU B 48 8.35 -9.98 -0.91
C LEU B 48 9.19 -9.02 -0.06
N GLU B 49 9.11 -7.74 -0.42
CA GLU B 49 9.72 -6.68 0.36
C GLU B 49 9.08 -5.36 -0.05
N TRP B 50 8.69 -4.57 0.94
CA TRP B 50 8.05 -3.28 0.71
C TRP B 50 9.12 -2.20 0.72
N VAL B 51 9.14 -1.39 -0.33
CA VAL B 51 10.23 -0.44 -0.56
C VAL B 51 9.99 0.83 0.23
N ALA B 52 8.91 1.53 -0.09
CA ALA B 52 8.66 2.84 0.51
C ALA B 52 7.18 3.18 0.38
N SER B 53 6.76 4.24 1.07
CA SER B 53 5.38 4.70 1.00
C SER B 53 5.36 6.20 1.22
N ILE B 54 4.35 6.85 0.65
CA ILE B 54 4.20 8.30 0.78
C ILE B 54 2.74 8.68 0.67
N SER B 55 2.35 9.72 1.41
CA SER B 55 1.08 10.40 1.25
C SER B 55 1.37 11.87 1.00
N SER B 56 0.92 12.37 -0.15
CA SER B 56 1.16 13.77 -0.49
C SER B 56 0.42 14.71 0.45
N TYR B 57 -0.81 14.36 0.83
CA TYR B 57 -1.62 15.27 1.62
C TYR B 57 -0.86 15.74 2.85
N TYR B 58 -0.35 14.80 3.63
CA TYR B 58 0.48 15.13 4.78
C TYR B 58 1.96 15.19 4.42
N GLY B 59 2.31 14.91 3.16
CA GLY B 59 3.70 14.92 2.76
C GLY B 59 4.54 13.91 3.49
N TYR B 60 3.94 12.86 4.01
CA TYR B 60 4.64 11.91 4.87
C TYR B 60 5.29 10.82 4.03
N THR B 61 6.57 10.59 4.27
CA THR B 61 7.35 9.57 3.58
C THR B 61 7.88 8.56 4.60
N TYR B 62 7.81 7.28 4.23
CA TYR B 62 8.37 6.19 5.01
C TYR B 62 9.17 5.30 4.08
N TYR B 63 10.32 4.82 4.54
CA TYR B 63 11.23 4.07 3.71
C TYR B 63 11.63 2.77 4.37
N ALA B 64 11.84 1.74 3.55
CA ALA B 64 12.42 0.50 4.02
C ALA B 64 13.88 0.72 4.41
N ASP B 65 14.39 -0.19 5.24
CA ASP B 65 15.79 -0.11 5.65
C ASP B 65 16.74 -0.32 4.47
N SER B 66 16.25 -0.92 3.38
CA SER B 66 17.09 -1.18 2.22
C SER B 66 17.18 0.01 1.27
N VAL B 67 16.29 1.00 1.39
CA VAL B 67 16.29 2.14 0.50
C VAL B 67 16.32 3.43 1.31
N LYS B 68 16.88 3.36 2.51
CA LYS B 68 17.01 4.54 3.37
C LYS B 68 18.11 5.45 2.81
N GLY B 69 17.70 6.55 2.21
CA GLY B 69 18.63 7.52 1.64
C GLY B 69 18.97 7.28 0.18
N ARG B 70 19.09 6.01 -0.21
CA ARG B 70 19.43 5.71 -1.60
C ARG B 70 18.31 6.13 -2.55
N PHE B 71 17.08 5.78 -2.21
CA PHE B 71 15.92 6.12 -3.02
C PHE B 71 15.25 7.36 -2.46
N THR B 72 14.30 7.88 -3.23
CA THR B 72 13.49 9.01 -2.78
C THR B 72 12.13 8.94 -3.47
N ILE B 73 11.07 8.78 -2.69
CA ILE B 73 9.72 8.79 -3.22
C ILE B 73 9.12 10.17 -2.99
N SER B 74 8.63 10.77 -4.07
CA SER B 74 7.84 11.99 -3.97
C SER B 74 6.63 11.83 -4.88
N ALA B 75 5.88 12.90 -5.11
CA ALA B 75 4.75 12.78 -6.01
C ALA B 75 4.40 14.14 -6.58
N ASP B 76 3.96 14.12 -7.83
CA ASP B 76 3.40 15.29 -8.50
C ASP B 76 1.89 15.08 -8.53
N THR B 77 1.18 15.75 -7.62
CA THR B 77 -0.27 15.66 -7.58
C THR B 77 -0.91 16.39 -8.75
N SER B 78 -0.19 17.32 -9.39
CA SER B 78 -0.69 17.94 -10.61
C SER B 78 -0.91 16.88 -11.68
N LYS B 79 0.07 16.01 -11.90
CA LYS B 79 -0.07 14.87 -12.78
C LYS B 79 -0.80 13.70 -12.12
N ASN B 80 -0.92 13.72 -10.80
CA ASN B 80 -1.50 12.60 -10.04
C ASN B 80 -0.64 11.35 -10.21
N THR B 81 0.63 11.50 -9.87
CA THR B 81 1.60 10.43 -10.04
C THR B 81 2.61 10.48 -8.90
N ALA B 82 3.19 9.33 -8.59
CA ALA B 82 4.26 9.22 -7.61
C ALA B 82 5.54 8.81 -8.32
N TYR B 83 6.67 9.20 -7.76
CA TYR B 83 7.96 9.03 -8.42
C TYR B 83 8.96 8.51 -7.39
N LEU B 84 9.34 7.25 -7.56
CA LEU B 84 10.42 6.66 -6.78
C LEU B 84 11.69 6.83 -7.60
N GLN B 85 12.45 7.87 -7.28
CA GLN B 85 13.77 8.07 -7.85
C GLN B 85 14.73 7.10 -7.18
N MET B 86 15.16 6.08 -7.92
CA MET B 86 16.12 5.11 -7.42
C MET B 86 17.52 5.55 -7.83
N ASN B 87 18.34 5.90 -6.84
CA ASN B 87 19.73 6.26 -7.02
C ASN B 87 20.61 5.24 -6.31
N SER B 88 21.89 5.23 -6.69
CA SER B 88 22.88 4.36 -6.06
C SER B 88 22.44 2.90 -6.12
N LEU B 89 21.90 2.49 -7.26
CA LEU B 89 21.47 1.11 -7.42
C LEU B 89 22.65 0.16 -7.29
N ARG B 90 22.36 -1.05 -6.82
CA ARG B 90 23.37 -2.07 -6.62
C ARG B 90 22.72 -3.43 -6.87
N ALA B 91 23.53 -4.49 -6.73
CA ALA B 91 23.01 -5.84 -6.91
C ALA B 91 21.92 -6.16 -5.90
N GLU B 92 21.85 -5.43 -4.79
CA GLU B 92 20.77 -5.61 -3.83
C GLU B 92 19.45 -5.06 -4.35
N ASP B 93 19.49 -4.13 -5.31
CA ASP B 93 18.30 -3.46 -5.80
C ASP B 93 17.68 -4.12 -7.02
N THR B 94 18.31 -5.16 -7.57
CA THR B 94 17.68 -5.90 -8.65
C THR B 94 16.40 -6.55 -8.16
N ALA B 95 15.32 -6.41 -8.94
CA ALA B 95 14.06 -7.03 -8.53
C ALA B 95 12.97 -6.82 -9.56
N VAL B 96 11.76 -7.31 -9.26
CA VAL B 96 10.54 -6.90 -9.94
C VAL B 96 9.79 -5.99 -8.99
N TYR B 97 9.48 -4.77 -9.45
CA TYR B 97 8.92 -3.72 -8.61
C TYR B 97 7.44 -3.57 -8.93
N TYR B 98 6.60 -3.72 -7.91
CA TYR B 98 5.17 -3.51 -7.98
C TYR B 98 4.82 -2.25 -7.21
N CYS B 99 3.70 -1.65 -7.58
CA CYS B 99 3.19 -0.46 -6.91
C CYS B 99 1.80 -0.78 -6.39
N ALA B 100 1.54 -0.41 -5.14
CA ALA B 100 0.24 -0.61 -4.52
C ALA B 100 -0.15 0.64 -3.75
N ARG B 101 -1.37 0.65 -3.22
CA ARG B 101 -1.85 1.80 -2.47
C ARG B 101 -2.72 1.32 -1.32
N LYS B 102 -2.83 2.18 -0.31
CA LYS B 102 -3.76 2.00 0.80
C LYS B 102 -4.57 3.28 0.92
N SER B 103 -5.82 3.25 0.47
CA SER B 103 -6.67 4.42 0.53
C SER B 103 -6.88 4.84 1.98
N MET B 104 -7.52 5.98 2.16
CA MET B 104 -7.82 6.50 3.48
C MET B 104 -9.33 6.57 3.75
N TYR B 105 -10.14 5.96 2.90
CA TYR B 105 -11.59 5.94 3.10
C TYR B 105 -11.93 4.92 4.19
N HIS B 106 -13.22 4.69 4.39
CA HIS B 106 -13.82 3.65 5.22
C HIS B 106 -13.71 3.93 6.72
N ARG B 107 -13.16 5.07 7.14
CA ARG B 107 -13.29 5.44 8.55
C ARG B 107 -14.74 5.62 8.95
N GLY B 108 -15.63 5.81 7.98
CA GLY B 108 -16.99 6.22 8.25
C GLY B 108 -17.17 7.66 7.85
N TRP B 109 -16.14 8.49 8.13
CA TRP B 109 -16.17 9.89 7.74
C TRP B 109 -15.04 10.25 6.79
N GLY B 110 -13.78 10.01 7.14
CA GLY B 110 -12.70 10.53 6.33
C GLY B 110 -11.36 9.81 6.45
N TRP B 111 -10.28 10.58 6.47
CA TRP B 111 -8.94 10.01 6.37
C TRP B 111 -8.60 9.27 7.65
N LEU B 112 -8.18 8.01 7.50
CA LEU B 112 -7.57 7.24 8.58
C LEU B 112 -6.06 7.36 8.40
N SER B 113 -5.49 8.39 9.01
CA SER B 113 -4.11 8.79 8.76
C SER B 113 -3.08 7.92 9.44
N TRP B 114 -3.47 6.76 9.97
CA TRP B 114 -2.53 5.90 10.67
C TRP B 114 -2.69 4.41 10.38
N VAL B 115 -3.60 4.02 9.49
CA VAL B 115 -3.77 2.59 9.21
C VAL B 115 -2.54 2.02 8.53
N TYR B 116 -2.09 2.64 7.45
CA TYR B 116 -1.01 2.08 6.62
C TYR B 116 -1.33 0.66 6.18
N GLY B 117 -2.61 0.30 6.22
CA GLY B 117 -3.01 -1.10 6.24
C GLY B 117 -2.75 -1.87 4.96
N ALA B 118 -3.58 -2.89 4.72
CA ALA B 118 -3.37 -3.76 3.57
C ALA B 118 -3.36 -2.96 2.27
N MET B 119 -2.40 -3.28 1.40
CA MET B 119 -2.22 -2.60 0.13
C MET B 119 -3.12 -3.28 -0.90
N ASP B 120 -4.39 -2.87 -0.89
CA ASP B 120 -5.43 -3.62 -1.60
C ASP B 120 -5.09 -3.78 -3.08
N TYR B 121 -4.76 -2.69 -3.76
CA TYR B 121 -4.58 -2.69 -5.21
C TYR B 121 -3.11 -2.66 -5.57
N TRP B 122 -2.71 -3.52 -6.49
CA TRP B 122 -1.33 -3.71 -6.88
C TRP B 122 -1.13 -3.36 -8.36
N GLY B 123 0.05 -2.86 -8.69
CA GLY B 123 0.37 -2.50 -10.04
C GLY B 123 0.66 -3.70 -10.93
N GLN B 124 1.63 -3.56 -11.82
CA GLN B 124 1.95 -4.59 -12.80
C GLN B 124 3.23 -5.35 -12.49
N GLY B 125 4.32 -4.63 -12.23
CA GLY B 125 5.60 -5.26 -12.00
C GLY B 125 6.60 -4.94 -13.09
N THR B 126 7.54 -4.04 -12.81
CA THR B 126 8.56 -3.63 -13.75
C THR B 126 9.90 -4.21 -13.31
N LEU B 127 10.60 -4.86 -14.22
CA LEU B 127 11.85 -5.54 -13.88
C LEU B 127 12.99 -4.54 -13.89
N VAL B 128 13.54 -4.26 -12.72
CA VAL B 128 14.68 -3.36 -12.57
C VAL B 128 15.92 -4.21 -12.41
N THR B 129 16.84 -4.09 -13.36
CA THR B 129 18.08 -4.85 -13.37
C THR B 129 19.23 -3.99 -12.91
N VAL B 130 20.23 -4.62 -12.31
CA VAL B 130 21.43 -3.92 -11.87
C VAL B 130 22.64 -4.80 -12.17
N SER B 131 23.36 -4.49 -13.24
CA SER B 131 24.51 -5.28 -13.65
C SER B 131 25.27 -4.56 -14.73
N SER B 132 26.59 -4.55 -14.62
CA SER B 132 27.47 -4.01 -15.67
C SER B 132 27.84 -5.10 -16.67
N ALA B 133 26.84 -5.78 -17.21
CA ALA B 133 27.04 -6.90 -18.13
C ALA B 133 26.73 -6.43 -19.53
N SER B 134 27.77 -6.19 -20.33
CA SER B 134 27.57 -5.85 -21.73
C SER B 134 26.79 -6.96 -22.41
N THR B 135 25.68 -6.62 -23.05
CA THR B 135 24.84 -7.61 -23.71
C THR B 135 25.70 -8.51 -24.58
N LYS B 136 25.80 -9.78 -24.22
CA LYS B 136 26.61 -10.75 -24.94
C LYS B 136 25.71 -11.73 -25.69
N GLY B 137 26.34 -12.70 -26.31
CA GLY B 137 25.65 -13.80 -26.92
C GLY B 137 26.07 -15.11 -26.28
N PRO B 138 25.17 -16.08 -26.25
CA PRO B 138 25.48 -17.33 -25.58
C PRO B 138 26.58 -18.10 -26.29
N SER B 139 27.31 -18.89 -25.51
CA SER B 139 28.18 -19.93 -26.04
C SER B 139 27.54 -21.27 -25.72
N VAL B 140 27.10 -21.99 -26.75
CA VAL B 140 26.33 -23.21 -26.58
C VAL B 140 27.25 -24.41 -26.68
N PHE B 141 27.01 -25.43 -25.85
CA PHE B 141 27.78 -26.65 -25.86
C PHE B 141 26.83 -27.85 -25.84
N PRO B 142 27.25 -28.99 -26.40
CA PRO B 142 26.37 -30.16 -26.42
C PRO B 142 26.61 -31.09 -25.25
N LEU B 143 25.68 -32.00 -25.01
CA LEU B 143 25.79 -32.98 -23.92
C LEU B 143 25.13 -34.26 -24.42
N ALA B 144 25.92 -35.30 -24.66
CA ALA B 144 25.46 -36.49 -25.34
C ALA B 144 25.67 -37.72 -24.47
N PRO B 145 24.89 -38.79 -24.72
CA PRO B 145 25.05 -40.05 -23.97
C PRO B 145 26.35 -40.78 -24.29
N ALA B 155 18.63 -43.06 -22.15
CA ALA B 155 19.77 -42.18 -22.36
C ALA B 155 19.28 -40.74 -22.57
N ALA B 156 20.01 -39.78 -22.01
CA ALA B 156 19.61 -38.38 -22.06
C ALA B 156 20.56 -37.60 -22.94
N LEU B 157 20.11 -36.42 -23.35
CA LEU B 157 20.83 -35.58 -24.31
C LEU B 157 20.35 -34.15 -24.14
N GLY B 158 21.28 -33.21 -24.10
CA GLY B 158 20.94 -31.83 -23.80
C GLY B 158 21.90 -30.83 -24.41
N CYS B 159 21.55 -29.56 -24.26
CA CYS B 159 22.39 -28.45 -24.70
C CYS B 159 22.55 -27.46 -23.55
N LEU B 160 23.77 -27.04 -23.30
CA LEU B 160 24.11 -26.16 -22.19
C LEU B 160 24.52 -24.81 -22.76
N VAL B 161 23.73 -23.78 -22.47
CA VAL B 161 24.02 -22.40 -22.84
C VAL B 161 24.87 -21.80 -21.73
N LYS B 162 25.97 -21.15 -22.07
CA LYS B 162 26.86 -20.61 -21.06
C LYS B 162 27.31 -19.21 -21.43
N ASP B 163 27.49 -18.37 -20.42
CA ASP B 163 28.03 -17.02 -20.59
C ASP B 163 27.23 -16.23 -21.62
N TYR B 164 25.96 -15.95 -21.29
CA TYR B 164 25.14 -15.03 -22.06
C TYR B 164 24.66 -13.90 -21.14
N PHE B 165 23.99 -12.92 -21.73
CA PHE B 165 23.31 -11.88 -20.97
C PHE B 165 22.53 -10.97 -21.90
N PRO B 166 21.38 -10.40 -21.47
CA PRO B 166 20.58 -10.70 -20.27
C PRO B 166 19.56 -11.78 -20.54
N GLU B 167 18.61 -12.00 -19.62
CA GLU B 167 17.49 -12.86 -19.92
C GLU B 167 16.60 -12.20 -20.96
N PRO B 168 15.76 -12.98 -21.66
CA PRO B 168 15.63 -14.44 -21.62
C PRO B 168 16.37 -15.11 -22.77
N VAL B 169 16.60 -16.42 -22.69
CA VAL B 169 17.17 -17.19 -23.78
C VAL B 169 16.18 -18.31 -24.10
N THR B 170 15.74 -18.37 -25.35
CA THR B 170 14.73 -19.33 -25.77
C THR B 170 15.42 -20.56 -26.34
N VAL B 171 15.37 -21.67 -25.61
CA VAL B 171 16.00 -22.91 -26.01
C VAL B 171 14.90 -23.92 -26.35
N SER B 172 14.99 -24.50 -27.54
CA SER B 172 13.99 -25.45 -28.03
C SER B 172 14.70 -26.60 -28.70
N TRP B 173 13.94 -27.65 -28.99
CA TRP B 173 14.48 -28.88 -29.58
C TRP B 173 13.73 -29.19 -30.87
N ASN B 174 14.47 -29.29 -31.97
CA ASN B 174 13.90 -29.61 -33.27
C ASN B 174 12.72 -28.70 -33.59
N VAL B 182 13.02 -32.80 -20.93
CA VAL B 182 12.56 -31.66 -21.73
C VAL B 182 12.29 -30.48 -20.81
N HIS B 183 13.17 -30.29 -19.83
CA HIS B 183 13.03 -29.23 -18.84
C HIS B 183 14.12 -28.19 -19.05
N THR B 184 13.72 -26.98 -19.41
CA THR B 184 14.66 -25.86 -19.52
C THR B 184 14.91 -25.34 -18.12
N PHE B 185 16.02 -25.75 -17.53
CA PHE B 185 16.26 -25.47 -16.13
C PHE B 185 16.47 -23.98 -15.92
N PRO B 186 15.75 -23.35 -14.96
CA PRO B 186 15.82 -21.89 -14.81
C PRO B 186 17.20 -21.28 -14.99
N ALA B 187 17.26 -20.22 -15.80
CA ALA B 187 18.51 -19.54 -16.03
C ALA B 187 19.10 -19.07 -14.71
N VAL B 188 20.38 -19.35 -14.51
CA VAL B 188 21.06 -19.08 -13.26
C VAL B 188 22.02 -17.92 -13.50
N LEU B 189 22.00 -16.93 -12.61
CA LEU B 189 22.93 -15.82 -12.69
C LEU B 189 24.32 -16.34 -12.37
N GLN B 190 25.14 -16.54 -13.39
CA GLN B 190 26.50 -16.99 -13.18
C GLN B 190 27.32 -15.87 -12.53
N SER B 191 28.35 -16.27 -11.78
CA SER B 191 29.16 -15.30 -11.05
C SER B 191 29.80 -14.28 -11.97
N SER B 192 29.97 -14.60 -13.25
CA SER B 192 30.57 -13.71 -14.23
C SER B 192 29.62 -12.62 -14.69
N GLY B 193 28.49 -12.40 -14.03
CA GLY B 193 27.50 -11.47 -14.54
C GLY B 193 26.66 -12.07 -15.63
N LEU B 194 27.30 -12.73 -16.60
CA LEU B 194 26.57 -13.47 -17.60
C LEU B 194 25.74 -14.55 -16.92
N TYR B 195 24.83 -15.13 -17.69
CA TYR B 195 23.94 -16.17 -17.22
C TYR B 195 24.44 -17.54 -17.69
N SER B 196 23.64 -18.56 -17.43
CA SER B 196 23.96 -19.91 -17.88
C SER B 196 22.76 -20.80 -17.57
N LEU B 197 22.47 -21.73 -18.48
CA LEU B 197 21.39 -22.66 -18.24
C LEU B 197 21.63 -23.92 -19.06
N SER B 198 20.78 -24.92 -18.85
CA SER B 198 20.84 -26.17 -19.57
C SER B 198 19.42 -26.57 -19.96
N SER B 199 19.32 -27.37 -21.03
CA SER B 199 18.03 -27.91 -21.43
C SER B 199 18.26 -29.32 -21.95
N VAL B 200 17.61 -30.30 -21.32
CA VAL B 200 17.90 -31.71 -21.54
C VAL B 200 16.61 -32.43 -21.91
N VAL B 201 16.78 -33.63 -22.48
CA VAL B 201 15.66 -34.47 -22.89
C VAL B 201 16.11 -35.93 -22.79
N THR B 202 15.20 -36.79 -22.34
CA THR B 202 15.49 -38.21 -22.17
C THR B 202 14.79 -39.00 -23.27
N VAL B 203 15.54 -39.87 -23.93
CA VAL B 203 15.00 -40.73 -24.96
C VAL B 203 15.75 -42.06 -24.93
N THR B 212 19.17 -38.33 -33.95
CA THR B 212 19.62 -36.97 -34.18
C THR B 212 18.76 -35.98 -33.42
N TYR B 213 19.39 -34.95 -32.86
CA TYR B 213 18.66 -33.91 -32.13
C TYR B 213 19.44 -32.61 -32.25
N ILE B 214 18.78 -31.56 -32.72
CA ILE B 214 19.37 -30.25 -32.91
C ILE B 214 18.70 -29.29 -31.95
N CYS B 215 19.50 -28.60 -31.15
CA CYS B 215 19.01 -27.69 -30.12
C CYS B 215 19.14 -26.26 -30.63
N ASN B 216 18.03 -25.53 -30.62
CA ASN B 216 17.97 -24.17 -31.15
C ASN B 216 17.95 -23.17 -30.00
N VAL B 217 18.92 -22.27 -29.98
CA VAL B 217 19.08 -21.27 -28.93
C VAL B 217 18.87 -19.89 -29.57
N ASN B 218 18.02 -19.07 -28.95
CA ASN B 218 17.71 -17.73 -29.44
C ASN B 218 17.96 -16.71 -28.33
N HIS B 219 18.66 -15.62 -28.67
CA HIS B 219 19.03 -14.58 -27.70
C HIS B 219 18.82 -13.23 -28.38
N LYS B 220 17.68 -12.60 -28.09
CA LYS B 220 17.33 -11.36 -28.78
C LYS B 220 18.29 -10.22 -28.47
N PRO B 221 18.62 -9.93 -27.20
CA PRO B 221 19.42 -8.73 -26.89
C PRO B 221 20.69 -8.59 -27.70
N SER B 222 21.17 -9.70 -28.28
CA SER B 222 22.31 -9.67 -29.19
C SER B 222 21.94 -10.20 -30.57
N ASN B 223 20.67 -10.48 -30.82
CA ASN B 223 20.22 -10.99 -32.12
C ASN B 223 21.01 -12.22 -32.52
N THR B 224 21.26 -13.09 -31.54
CA THR B 224 22.07 -14.29 -31.75
C THR B 224 21.16 -15.51 -31.85
N LYS B 225 21.53 -16.43 -32.72
CA LYS B 225 20.86 -17.71 -32.83
C LYS B 225 21.89 -18.80 -33.09
N VAL B 226 21.69 -19.95 -32.46
CA VAL B 226 22.56 -21.10 -32.65
C VAL B 226 21.69 -22.33 -32.84
N ASP B 227 22.21 -23.31 -33.58
CA ASP B 227 21.55 -24.60 -33.79
C ASP B 227 22.64 -25.66 -33.63
N LYS B 228 22.80 -26.14 -32.40
CA LYS B 228 23.88 -27.06 -32.07
C LYS B 228 23.41 -28.50 -32.22
N LYS B 229 24.28 -29.35 -32.77
CA LYS B 229 24.00 -30.77 -32.89
C LYS B 229 24.65 -31.52 -31.74
N VAL B 230 23.91 -32.48 -31.19
CA VAL B 230 24.38 -33.30 -30.08
C VAL B 230 24.15 -34.76 -30.43
N GLU B 231 25.19 -35.57 -30.28
CA GLU B 231 25.08 -37.02 -30.49
C GLU B 231 26.38 -37.73 -30.15
N ASP C 2 13.00 -3.29 14.15
CA ASP C 2 11.85 -3.56 13.29
C ASP C 2 11.16 -4.84 13.75
N ILE C 3 10.01 -5.14 13.13
CA ILE C 3 9.22 -6.31 13.47
C ILE C 3 9.49 -7.39 12.44
N GLN C 4 9.92 -8.57 12.91
CA GLN C 4 10.13 -9.74 12.07
C GLN C 4 8.88 -10.62 12.18
N MET C 5 8.10 -10.67 11.10
CA MET C 5 6.87 -11.47 11.07
C MET C 5 7.22 -12.91 10.72
N THR C 6 7.82 -13.60 11.68
CA THR C 6 8.32 -14.96 11.48
C THR C 6 7.19 -15.92 11.13
N GLN C 7 7.18 -16.44 9.91
CA GLN C 7 6.11 -17.30 9.44
C GLN C 7 6.61 -18.71 9.22
N SER C 8 5.77 -19.69 9.57
CA SER C 8 6.06 -21.10 9.39
C SER C 8 4.79 -21.82 8.97
N PRO C 9 4.91 -22.97 8.29
CA PRO C 9 6.13 -23.63 7.82
C PRO C 9 6.73 -22.96 6.59
N SER C 10 8.05 -23.01 6.41
CA SER C 10 8.65 -22.43 5.21
C SER C 10 8.24 -23.17 3.95
N SER C 11 7.75 -24.40 4.09
CA SER C 11 7.23 -25.14 2.95
C SER C 11 6.41 -26.34 3.44
N LEU C 12 5.16 -26.43 3.00
CA LEU C 12 4.28 -27.51 3.40
C LEU C 12 3.73 -28.20 2.18
N SER C 13 3.43 -29.48 2.33
CA SER C 13 2.89 -30.31 1.26
C SER C 13 1.45 -30.67 1.60
N ALA C 14 0.59 -30.65 0.59
CA ALA C 14 -0.82 -30.97 0.77
C ALA C 14 -1.41 -31.20 -0.62
N SER C 15 -2.73 -31.34 -0.68
CA SER C 15 -3.42 -31.63 -1.92
C SER C 15 -4.79 -30.97 -1.87
N VAL C 16 -5.70 -31.40 -2.75
CA VAL C 16 -7.04 -30.84 -2.78
C VAL C 16 -7.78 -31.23 -1.51
N GLY C 17 -8.43 -30.24 -0.89
CA GLY C 17 -9.27 -30.48 0.27
C GLY C 17 -8.57 -30.43 1.60
N ASP C 18 -7.24 -30.47 1.63
CA ASP C 18 -6.52 -30.43 2.90
C ASP C 18 -6.78 -29.11 3.61
N ARG C 19 -7.08 -29.19 4.90
CA ARG C 19 -7.25 -28.00 5.74
C ARG C 19 -5.84 -27.55 6.13
N VAL C 20 -5.31 -26.60 5.37
CA VAL C 20 -3.92 -26.19 5.53
C VAL C 20 -3.87 -25.00 6.48
N THR C 21 -2.84 -24.99 7.33
CA THR C 21 -2.65 -23.95 8.34
C THR C 21 -1.25 -23.39 8.22
N ILE C 22 -1.15 -22.05 8.26
CA ILE C 22 0.15 -21.37 8.24
C ILE C 22 0.13 -20.34 9.37
N THR C 23 1.11 -20.43 10.27
CA THR C 23 1.19 -19.52 11.40
C THR C 23 2.25 -18.46 11.13
N CYS C 24 2.09 -17.32 11.79
CA CYS C 24 3.06 -16.25 11.67
C CYS C 24 3.01 -15.41 12.95
N ARG C 25 4.17 -15.24 13.58
CA ARG C 25 4.28 -14.57 14.87
C ARG C 25 5.10 -13.29 14.70
N ALA C 26 4.59 -12.20 15.27
CA ALA C 26 5.29 -10.93 15.25
C ALA C 26 6.37 -10.91 16.31
N SER C 27 7.52 -10.32 15.97
CA SER C 27 8.60 -10.20 16.95
C SER C 27 8.18 -9.35 18.14
N GLN C 28 7.49 -8.23 17.88
CA GLN C 28 6.94 -7.38 18.92
C GLN C 28 5.42 -7.39 18.84
N SER C 29 4.80 -6.73 19.81
CA SER C 29 3.35 -6.73 19.88
C SER C 29 2.74 -5.97 18.71
N VAL C 30 1.68 -6.54 18.13
CA VAL C 30 0.93 -5.91 17.05
C VAL C 30 -0.54 -5.90 17.44
N SER C 31 -1.29 -4.98 16.82
CA SER C 31 -2.65 -4.69 17.26
C SER C 31 -3.65 -5.01 16.17
N SER C 32 -3.54 -6.21 15.59
CA SER C 32 -4.38 -6.73 14.52
C SER C 32 -3.92 -6.20 13.17
N ALA C 33 -2.84 -5.42 13.11
CA ALA C 33 -2.29 -5.00 11.82
C ALA C 33 -1.57 -6.20 11.23
N VAL C 34 -2.31 -6.99 10.45
CA VAL C 34 -1.74 -8.16 9.79
C VAL C 34 -2.54 -8.44 8.52
N ALA C 35 -1.83 -8.84 7.46
CA ALA C 35 -2.45 -9.13 6.19
C ALA C 35 -1.69 -10.26 5.51
N TRP C 36 -2.42 -11.04 4.71
CA TRP C 36 -1.89 -12.24 4.08
C TRP C 36 -1.93 -12.07 2.57
N TYR C 37 -0.76 -12.17 1.94
CA TYR C 37 -0.62 -11.95 0.50
C TYR C 37 -0.20 -13.25 -0.16
N GLN C 38 -0.90 -13.61 -1.23
CA GLN C 38 -0.68 -14.85 -1.97
C GLN C 38 -0.01 -14.53 -3.30
N GLN C 39 1.31 -14.63 -3.35
CA GLN C 39 2.06 -14.41 -4.59
C GLN C 39 2.26 -15.72 -5.33
N LYS C 40 1.73 -15.81 -6.53
CA LYS C 40 1.99 -16.92 -7.43
C LYS C 40 3.37 -16.72 -8.04
N PRO C 41 3.82 -17.65 -8.91
CA PRO C 41 5.14 -17.46 -9.53
C PRO C 41 5.25 -16.17 -10.32
N GLY C 42 6.08 -15.24 -9.86
CA GLY C 42 6.31 -13.98 -10.56
C GLY C 42 5.25 -12.91 -10.41
N LYS C 43 3.98 -13.28 -10.54
CA LYS C 43 2.91 -12.30 -10.61
C LYS C 43 2.89 -11.43 -9.36
N ALA C 44 2.10 -10.37 -9.43
CA ALA C 44 2.03 -9.41 -8.34
C ALA C 44 1.32 -10.02 -7.13
N PRO C 45 1.81 -9.78 -5.92
CA PRO C 45 1.13 -10.33 -4.74
C PRO C 45 -0.31 -9.86 -4.66
N LYS C 46 -1.19 -10.79 -4.27
CA LYS C 46 -2.57 -10.46 -4.01
C LYS C 46 -2.73 -10.14 -2.52
N LEU C 47 -3.95 -9.80 -2.11
CA LEU C 47 -4.30 -9.59 -0.72
C LEU C 47 -5.33 -10.61 -0.30
N LEU C 48 -5.10 -11.29 0.82
CA LEU C 48 -6.03 -12.29 1.33
C LEU C 48 -6.79 -11.77 2.56
N ILE C 49 -6.06 -11.35 3.59
CA ILE C 49 -6.66 -10.96 4.86
C ILE C 49 -6.07 -9.62 5.28
N TYR C 50 -6.82 -8.90 6.10
CA TYR C 50 -6.33 -7.66 6.69
C TYR C 50 -6.99 -7.48 8.04
N SER C 51 -6.43 -6.57 8.86
CA SER C 51 -6.83 -6.40 10.25
C SER C 51 -6.62 -7.67 11.06
N ALA C 52 -5.82 -8.59 10.53
CA ALA C 52 -5.47 -9.84 11.18
C ALA C 52 -6.62 -10.84 11.20
N SER C 53 -7.82 -10.39 10.85
CA SER C 53 -8.94 -11.32 10.80
C SER C 53 -9.96 -11.03 9.70
N SER C 54 -9.74 -10.03 8.84
CA SER C 54 -10.78 -9.56 7.95
C SER C 54 -10.57 -10.11 6.55
N LEU C 55 -11.53 -10.89 6.07
CA LEU C 55 -11.50 -11.41 4.71
C LEU C 55 -11.61 -10.27 3.73
N TYR C 56 -10.50 -9.95 3.05
CA TYR C 56 -10.49 -8.83 2.12
C TYR C 56 -11.41 -9.09 0.94
N SER C 57 -11.93 -7.99 0.37
CA SER C 57 -12.91 -8.10 -0.70
C SER C 57 -12.35 -8.92 -1.86
N GLY C 58 -13.18 -9.82 -2.39
CA GLY C 58 -12.82 -10.65 -3.51
C GLY C 58 -11.97 -11.85 -3.14
N VAL C 59 -11.53 -11.96 -1.89
CA VAL C 59 -10.70 -13.09 -1.46
C VAL C 59 -11.61 -14.30 -1.26
N PRO C 60 -11.16 -15.51 -1.59
CA PRO C 60 -12.02 -16.68 -1.40
C PRO C 60 -12.43 -16.84 0.06
N SER C 61 -13.67 -17.28 0.27
CA SER C 61 -14.20 -17.40 1.62
C SER C 61 -13.40 -18.40 2.44
N ARG C 62 -13.01 -19.52 1.83
CA ARG C 62 -12.34 -20.58 2.58
C ARG C 62 -11.14 -20.04 3.34
N PHE C 63 -10.41 -19.10 2.74
CA PHE C 63 -9.34 -18.44 3.47
C PHE C 63 -9.89 -17.78 4.72
N SER C 64 -9.16 -17.89 5.83
CA SER C 64 -9.58 -17.17 7.01
C SER C 64 -8.39 -16.97 7.94
N GLY C 65 -8.35 -15.81 8.57
CA GLY C 65 -7.30 -15.47 9.52
C GLY C 65 -7.86 -15.45 10.92
N SER C 66 -6.98 -15.71 11.89
CA SER C 66 -7.35 -15.73 13.29
C SER C 66 -6.20 -15.19 14.12
N ARG C 67 -6.54 -14.52 15.21
CA ARG C 67 -5.57 -13.97 16.13
C ARG C 67 -5.73 -14.62 17.49
N SER C 68 -4.61 -15.01 18.09
CA SER C 68 -4.56 -15.57 19.44
C SER C 68 -3.46 -14.89 20.23
N GLY C 69 -3.46 -13.56 20.20
CA GLY C 69 -2.38 -12.78 20.79
C GLY C 69 -1.50 -12.19 19.71
N THR C 70 -0.32 -12.76 19.53
CA THR C 70 0.59 -12.36 18.46
C THR C 70 0.93 -13.52 17.54
N ASP C 71 0.07 -14.52 17.46
CA ASP C 71 0.26 -15.69 16.60
C ASP C 71 -0.89 -15.72 15.61
N PHE C 72 -0.72 -15.03 14.49
CA PHE C 72 -1.76 -14.91 13.48
C PHE C 72 -1.71 -16.13 12.58
N THR C 73 -2.83 -16.84 12.48
CA THR C 73 -2.93 -18.08 11.72
C THR C 73 -3.85 -17.88 10.53
N LEU C 74 -3.42 -18.35 9.36
CA LEU C 74 -4.26 -18.37 8.17
C LEU C 74 -4.54 -19.82 7.81
N THR C 75 -5.82 -20.14 7.71
CA THR C 75 -6.27 -21.48 7.39
C THR C 75 -7.07 -21.46 6.10
N ILE C 76 -6.75 -22.40 5.22
CA ILE C 76 -7.55 -22.68 4.03
C ILE C 76 -8.25 -24.01 4.30
N SER C 77 -9.57 -23.97 4.43
CA SER C 77 -10.32 -25.15 4.83
C SER C 77 -10.13 -26.28 3.82
N SER C 78 -10.34 -25.98 2.54
CA SER C 78 -10.17 -26.97 1.46
C SER C 78 -9.29 -26.33 0.40
N LEU C 79 -7.98 -26.42 0.59
CA LEU C 79 -7.04 -25.89 -0.37
C LEU C 79 -7.25 -26.56 -1.72
N GLN C 80 -7.33 -25.75 -2.77
CA GLN C 80 -7.62 -26.23 -4.12
C GLN C 80 -6.36 -26.27 -4.96
N PRO C 81 -6.41 -26.93 -6.12
CA PRO C 81 -5.21 -27.01 -6.96
C PRO C 81 -4.65 -25.65 -7.34
N GLU C 82 -5.52 -24.64 -7.49
CA GLU C 82 -5.10 -23.32 -7.90
C GLU C 82 -4.49 -22.51 -6.75
N ASP C 83 -4.77 -22.87 -5.51
CA ASP C 83 -4.27 -22.11 -4.35
C ASP C 83 -2.95 -22.66 -3.84
N PHE C 84 -1.99 -22.86 -4.74
CA PHE C 84 -0.62 -23.25 -4.37
C PHE C 84 0.30 -22.10 -4.78
N ALA C 85 0.72 -21.32 -3.80
CA ALA C 85 1.54 -20.14 -4.05
C ALA C 85 2.34 -19.87 -2.78
N THR C 86 2.95 -18.69 -2.70
CA THR C 86 3.71 -18.31 -1.52
C THR C 86 2.89 -17.30 -0.73
N TYR C 87 2.63 -17.61 0.54
CA TYR C 87 1.78 -16.78 1.39
C TYR C 87 2.64 -16.04 2.41
N TYR C 88 2.50 -14.73 2.44
CA TYR C 88 3.29 -13.86 3.32
C TYR C 88 2.37 -13.15 4.29
N CYS C 89 2.88 -12.92 5.50
CA CYS C 89 2.20 -12.15 6.52
C CYS C 89 2.90 -10.79 6.65
N GLN C 90 2.11 -9.72 6.67
CA GLN C 90 2.64 -8.37 6.73
C GLN C 90 1.93 -7.58 7.81
N GLN C 91 2.71 -6.95 8.68
CA GLN C 91 2.18 -6.07 9.70
C GLN C 91 2.30 -4.62 9.24
N SER C 92 1.23 -3.85 9.42
CA SER C 92 1.19 -2.45 9.00
C SER C 92 1.30 -1.50 10.18
N TYR C 93 1.70 -1.99 11.36
CA TYR C 93 1.72 -1.16 12.56
C TYR C 93 2.98 -0.29 12.61
N TYR C 94 4.15 -0.92 12.65
CA TYR C 94 5.41 -0.21 12.75
C TYR C 94 6.05 -0.09 11.38
N TYR C 95 6.36 1.14 10.98
CA TYR C 95 7.11 1.34 9.75
C TYR C 95 8.61 1.18 10.02
N PRO C 96 9.38 0.59 9.09
CA PRO C 96 8.98 0.10 7.76
C PRO C 96 8.14 -1.17 7.82
N ILE C 97 7.13 -1.26 6.95
CA ILE C 97 6.31 -2.45 6.85
C ILE C 97 7.22 -3.64 6.61
N THR C 98 6.85 -4.81 7.12
CA THR C 98 7.65 -6.01 6.99
C THR C 98 6.76 -7.19 6.63
N PHE C 99 7.35 -8.15 5.91
CA PHE C 99 6.70 -9.38 5.54
C PHE C 99 7.38 -10.55 6.26
N GLY C 100 6.77 -11.73 6.14
CA GLY C 100 7.40 -12.92 6.64
C GLY C 100 8.45 -13.40 5.66
N GLN C 101 8.59 -14.72 5.51
CA GLN C 101 9.46 -15.28 4.49
C GLN C 101 8.69 -16.11 3.46
N GLY C 102 7.38 -16.20 3.59
CA GLY C 102 6.59 -16.97 2.65
C GLY C 102 6.48 -18.43 3.06
N THR C 103 5.47 -19.08 2.52
CA THR C 103 5.21 -20.49 2.83
C THR C 103 4.61 -21.13 1.58
N LYS C 104 5.48 -21.68 0.74
CA LYS C 104 5.02 -22.30 -0.49
C LYS C 104 4.27 -23.58 -0.16
N VAL C 105 3.07 -23.72 -0.70
CA VAL C 105 2.26 -24.92 -0.50
C VAL C 105 2.37 -25.73 -1.78
N GLU C 106 3.08 -26.85 -1.70
CA GLU C 106 3.39 -27.66 -2.86
C GLU C 106 2.21 -28.59 -3.15
N ILE C 107 2.42 -29.55 -4.05
CA ILE C 107 1.44 -30.58 -4.35
C ILE C 107 1.99 -31.91 -3.86
N LYS C 108 1.08 -32.84 -3.58
CA LYS C 108 1.42 -34.11 -2.95
C LYS C 108 1.15 -35.26 -3.92
N ARG C 109 2.05 -36.24 -3.93
CA ARG C 109 1.88 -37.44 -4.73
C ARG C 109 2.81 -38.52 -4.17
N THR C 110 2.79 -39.68 -4.82
CA THR C 110 3.62 -40.80 -4.36
C THR C 110 5.09 -40.48 -4.54
N VAL C 111 5.89 -40.86 -3.54
CA VAL C 111 7.33 -40.66 -3.63
C VAL C 111 7.87 -41.39 -4.85
N ALA C 112 8.71 -40.70 -5.62
CA ALA C 112 9.33 -41.27 -6.81
C ALA C 112 10.81 -40.91 -6.82
N ALA C 113 11.64 -41.88 -7.17
CA ALA C 113 13.08 -41.69 -7.16
C ALA C 113 13.53 -40.96 -8.41
N PRO C 114 14.68 -40.27 -8.35
CA PRO C 114 15.19 -39.61 -9.55
C PRO C 114 15.57 -40.63 -10.62
N SER C 115 15.35 -40.25 -11.87
CA SER C 115 16.05 -40.87 -12.98
C SER C 115 17.30 -40.03 -13.22
N VAL C 116 18.45 -40.55 -12.83
CA VAL C 116 19.68 -39.79 -12.81
C VAL C 116 20.50 -40.15 -14.04
N PHE C 117 20.73 -39.15 -14.89
CA PHE C 117 21.65 -39.27 -16.01
C PHE C 117 22.83 -38.34 -15.77
N ILE C 118 23.92 -38.59 -16.49
CA ILE C 118 25.12 -37.78 -16.37
C ILE C 118 25.59 -37.37 -17.76
N PHE C 119 26.31 -36.26 -17.81
CA PHE C 119 26.90 -35.76 -19.05
C PHE C 119 28.30 -35.21 -18.81
N PRO C 120 29.31 -35.75 -19.48
CA PRO C 120 30.64 -35.15 -19.41
C PRO C 120 30.75 -33.96 -20.35
N PRO C 121 31.74 -33.08 -20.15
CA PRO C 121 31.89 -31.96 -21.07
C PRO C 121 32.19 -32.44 -22.47
N SER C 122 31.63 -31.76 -23.46
CA SER C 122 31.76 -32.18 -24.84
C SER C 122 32.93 -31.49 -25.52
N ASP C 123 33.23 -31.94 -26.74
CA ASP C 123 34.37 -31.41 -27.48
C ASP C 123 34.28 -29.91 -27.66
N SER C 124 33.11 -29.42 -28.10
CA SER C 124 32.97 -27.99 -28.33
C SER C 124 33.25 -27.20 -27.07
N GLN C 125 32.77 -27.69 -25.92
CA GLN C 125 32.98 -26.98 -24.68
C GLN C 125 34.45 -26.98 -24.27
N LEU C 126 35.14 -28.11 -24.44
CA LEU C 126 36.57 -28.13 -24.18
C LEU C 126 37.29 -27.12 -25.06
N LYS C 127 36.89 -27.02 -26.32
CA LYS C 127 37.49 -26.03 -27.21
C LYS C 127 37.23 -24.62 -26.70
N SER C 128 36.01 -24.34 -26.23
CA SER C 128 35.70 -22.99 -25.76
C SER C 128 36.59 -22.59 -24.60
N GLY C 129 36.67 -23.43 -23.57
CA GLY C 129 37.56 -23.17 -22.45
C GLY C 129 36.92 -23.22 -21.08
N THR C 130 35.70 -23.75 -20.98
CA THR C 130 35.02 -23.89 -19.69
C THR C 130 34.18 -25.16 -19.74
N ALA C 131 34.70 -26.23 -19.15
CA ALA C 131 34.02 -27.53 -19.16
C ALA C 131 33.08 -27.61 -17.97
N SER C 132 31.81 -27.93 -18.24
CA SER C 132 30.78 -28.02 -17.22
C SER C 132 30.18 -29.43 -17.27
N VAL C 133 30.50 -30.23 -16.25
CA VAL C 133 29.87 -31.54 -16.12
C VAL C 133 28.44 -31.36 -15.65
N VAL C 134 27.52 -32.18 -16.16
CA VAL C 134 26.11 -32.05 -15.85
C VAL C 134 25.64 -33.33 -15.19
N CYS C 135 24.77 -33.18 -14.18
CA CYS C 135 24.06 -34.30 -13.57
C CYS C 135 22.58 -33.96 -13.62
N LEU C 136 21.81 -34.79 -14.31
CA LEU C 136 20.38 -34.59 -14.47
C LEU C 136 19.64 -35.51 -13.53
N LEU C 137 18.75 -34.96 -12.71
CA LEU C 137 17.88 -35.71 -11.82
C LEU C 137 16.46 -35.44 -12.29
N ASN C 138 15.96 -36.27 -13.21
CA ASN C 138 14.64 -36.03 -13.80
C ASN C 138 13.55 -36.73 -13.00
N ASN C 139 12.41 -36.05 -12.89
CA ASN C 139 11.22 -36.61 -12.25
C ASN C 139 11.56 -37.28 -10.94
N PHE C 140 12.04 -36.51 -9.97
CA PHE C 140 12.38 -37.02 -8.65
C PHE C 140 11.55 -36.30 -7.60
N TYR C 141 10.86 -37.08 -6.76
CA TYR C 141 10.01 -36.58 -5.70
C TYR C 141 10.46 -37.14 -4.36
N PRO C 142 10.44 -36.35 -3.28
CA PRO C 142 10.08 -34.93 -3.18
C PRO C 142 11.25 -34.00 -3.50
N ARG C 143 11.03 -32.70 -3.54
CA ARG C 143 12.12 -31.77 -3.84
C ARG C 143 13.26 -31.89 -2.83
N GLU C 144 12.98 -32.41 -1.64
CA GLU C 144 14.05 -32.69 -0.69
C GLU C 144 15.01 -33.71 -1.27
N ALA C 145 16.27 -33.31 -1.45
CA ALA C 145 17.28 -34.20 -2.02
C ALA C 145 18.61 -33.46 -1.98
N LYS C 146 19.68 -34.20 -2.28
CA LYS C 146 21.01 -33.61 -2.31
C LYS C 146 21.84 -34.32 -3.38
N VAL C 147 22.81 -33.59 -3.92
CA VAL C 147 23.71 -34.10 -4.95
C VAL C 147 25.13 -33.78 -4.52
N GLN C 148 25.97 -34.82 -4.45
CA GLN C 148 27.38 -34.68 -4.10
C GLN C 148 28.24 -34.98 -5.32
N TRP C 149 29.43 -34.39 -5.34
CA TRP C 149 30.32 -34.44 -6.49
C TRP C 149 31.65 -35.08 -6.12
N LYS C 150 32.10 -35.99 -6.97
CA LYS C 150 33.43 -36.58 -6.89
C LYS C 150 34.18 -36.16 -8.15
N VAL C 151 35.15 -35.27 -7.97
CA VAL C 151 35.92 -34.75 -9.10
C VAL C 151 36.69 -35.89 -9.77
N ASN C 159 30.83 -23.64 -6.29
CA ASN C 159 31.27 -23.86 -7.66
C ASN C 159 30.20 -24.59 -8.46
N SER C 160 29.76 -25.74 -7.94
CA SER C 160 28.70 -26.51 -8.56
C SER C 160 27.35 -25.84 -8.26
N GLN C 161 26.62 -25.49 -9.30
CA GLN C 161 25.35 -24.80 -9.16
C GLN C 161 24.20 -25.70 -9.61
N GLU C 162 23.08 -25.58 -8.93
CA GLU C 162 21.91 -26.40 -9.17
C GLU C 162 20.78 -25.54 -9.70
N SER C 163 20.18 -25.95 -10.80
CA SER C 163 18.99 -25.32 -11.35
C SER C 163 17.83 -26.29 -11.22
N VAL C 164 16.81 -25.90 -10.47
CA VAL C 164 15.73 -26.79 -10.07
C VAL C 164 14.46 -26.29 -10.73
N THR C 165 14.02 -26.97 -11.78
CA THR C 165 12.74 -26.61 -12.37
C THR C 165 11.64 -26.78 -11.33
N GLU C 166 10.65 -25.91 -11.38
CA GLU C 166 9.58 -25.91 -10.39
C GLU C 166 8.80 -27.21 -10.45
N GLN C 167 7.82 -27.36 -9.57
CA GLN C 167 6.99 -28.55 -9.53
C GLN C 167 6.53 -28.92 -10.94
N ASP C 168 6.93 -30.10 -11.39
CA ASP C 168 6.67 -30.49 -12.77
C ASP C 168 5.18 -30.42 -13.07
N SER C 169 4.84 -29.85 -14.22
CA SER C 169 3.44 -29.75 -14.62
C SER C 169 2.85 -31.13 -14.84
N LYS C 170 3.63 -32.06 -15.38
CA LYS C 170 3.12 -33.38 -15.73
C LYS C 170 2.49 -34.05 -14.52
N ASP C 171 3.28 -34.37 -13.50
CA ASP C 171 2.72 -34.86 -12.24
C ASP C 171 3.64 -34.43 -11.10
N SER C 172 3.36 -33.25 -10.55
CA SER C 172 3.82 -32.83 -9.23
C SER C 172 5.21 -33.34 -8.87
N THR C 173 6.14 -33.31 -9.81
CA THR C 173 7.49 -33.83 -9.61
C THR C 173 8.50 -32.68 -9.68
N TYR C 174 9.78 -33.01 -9.48
CA TYR C 174 10.86 -32.05 -9.56
C TYR C 174 11.99 -32.62 -10.39
N SER C 175 12.58 -31.77 -11.25
CA SER C 175 13.85 -32.05 -11.89
C SER C 175 14.94 -31.25 -11.21
N LEU C 176 16.19 -31.57 -11.52
CA LEU C 176 17.29 -30.78 -10.98
C LEU C 176 18.53 -31.04 -11.81
N SER C 177 19.12 -29.97 -12.34
CA SER C 177 20.38 -30.05 -13.05
C SER C 177 21.46 -29.52 -12.12
N SER C 178 22.31 -30.42 -11.63
CA SER C 178 23.47 -30.05 -10.85
C SER C 178 24.66 -30.01 -11.80
N THR C 179 25.16 -28.82 -12.09
CA THR C 179 26.23 -28.64 -13.05
C THR C 179 27.45 -28.06 -12.35
N LEU C 180 28.60 -28.71 -12.56
CA LEU C 180 29.85 -28.29 -11.96
C LEU C 180 30.76 -27.75 -13.05
N THR C 181 31.20 -26.50 -12.88
CA THR C 181 31.94 -25.77 -13.90
C THR C 181 33.40 -25.66 -13.51
N LEU C 182 34.29 -26.00 -14.43
CA LEU C 182 35.72 -25.90 -14.24
C LEU C 182 36.35 -25.39 -15.53
N SER C 183 37.58 -24.93 -15.42
CA SER C 183 38.32 -24.52 -16.61
C SER C 183 38.86 -25.74 -17.34
N LYS C 184 39.20 -25.55 -18.61
CA LYS C 184 39.75 -26.65 -19.40
C LYS C 184 41.05 -27.16 -18.78
N ALA C 185 41.92 -26.25 -18.36
CA ALA C 185 43.19 -26.66 -17.77
C ALA C 185 42.97 -27.41 -16.45
N ASP C 186 42.07 -26.92 -15.61
CA ASP C 186 41.85 -27.51 -14.30
C ASP C 186 40.94 -28.73 -14.34
N TYR C 187 40.36 -29.05 -15.49
CA TYR C 187 39.48 -30.20 -15.62
C TYR C 187 40.20 -31.47 -16.05
N GLU C 188 41.25 -31.33 -16.88
CA GLU C 188 41.95 -32.49 -17.39
C GLU C 188 42.76 -33.22 -16.32
N LYS C 189 42.98 -32.58 -15.17
CA LYS C 189 43.83 -33.17 -14.14
C LYS C 189 43.28 -34.52 -13.68
N HIS C 190 41.98 -34.59 -13.43
CA HIS C 190 41.36 -35.80 -12.92
C HIS C 190 40.77 -36.64 -14.06
N LYS C 191 40.45 -37.88 -13.74
CA LYS C 191 39.99 -38.85 -14.73
C LYS C 191 38.58 -39.34 -14.48
N VAL C 192 38.22 -39.65 -13.24
CA VAL C 192 36.91 -40.21 -12.91
C VAL C 192 36.10 -39.12 -12.24
N TYR C 193 34.95 -38.78 -12.83
CA TYR C 193 34.01 -37.84 -12.26
C TYR C 193 32.70 -38.55 -11.97
N ALA C 194 31.99 -38.08 -10.95
CA ALA C 194 30.76 -38.75 -10.56
C ALA C 194 29.85 -37.80 -9.79
N CYS C 195 28.54 -37.97 -9.97
CA CYS C 195 27.54 -37.30 -9.17
C CYS C 195 26.72 -38.35 -8.44
N GLU C 196 26.56 -38.16 -7.13
CA GLU C 196 25.84 -39.11 -6.28
C GLU C 196 24.65 -38.40 -5.66
N VAL C 197 23.46 -38.96 -5.88
CA VAL C 197 22.21 -38.39 -5.39
C VAL C 197 21.81 -39.11 -4.11
N THR C 198 21.53 -38.33 -3.07
CA THR C 198 20.95 -38.81 -1.82
C THR C 198 19.53 -38.29 -1.74
N HIS C 199 18.57 -39.18 -1.61
CA HIS C 199 17.18 -38.83 -1.80
C HIS C 199 16.29 -39.60 -0.84
N GLN C 200 15.14 -39.01 -0.52
CA GLN C 200 14.19 -39.63 0.40
C GLN C 200 13.62 -40.92 -0.19
N GLY C 201 13.23 -40.89 -1.46
CA GLY C 201 12.65 -42.04 -2.12
C GLY C 201 13.63 -43.08 -2.59
N LEU C 202 14.92 -42.85 -2.38
CA LEU C 202 15.96 -43.81 -2.74
C LEU C 202 16.30 -44.68 -1.54
N SER C 203 16.33 -45.99 -1.74
CA SER C 203 16.79 -46.89 -0.68
C SER C 203 18.25 -46.60 -0.34
N SER C 204 19.07 -46.36 -1.35
CA SER C 204 20.47 -46.01 -1.18
C SER C 204 20.82 -44.91 -2.16
N PRO C 205 21.84 -44.11 -1.87
CA PRO C 205 22.25 -43.08 -2.82
C PRO C 205 22.72 -43.70 -4.13
N VAL C 206 22.45 -43.01 -5.23
CA VAL C 206 22.76 -43.51 -6.57
C VAL C 206 23.85 -42.65 -7.16
N THR C 207 24.96 -43.28 -7.56
CA THR C 207 26.09 -42.59 -8.14
C THR C 207 26.19 -42.92 -9.63
N LYS C 208 26.29 -41.88 -10.46
CA LYS C 208 26.56 -42.03 -11.88
C LYS C 208 27.90 -41.39 -12.17
N SER C 209 28.76 -42.10 -12.90
CA SER C 209 30.14 -41.67 -13.09
C SER C 209 30.57 -41.90 -14.52
N PHE C 210 31.61 -41.16 -14.91
CA PHE C 210 32.28 -41.34 -16.19
C PHE C 210 33.77 -41.16 -15.99
N ASN C 211 34.53 -41.62 -16.98
CA ASN C 211 35.99 -41.51 -16.98
C ASN C 211 36.42 -40.58 -18.11
N ARG C 212 37.30 -39.64 -17.78
CA ARG C 212 37.73 -38.64 -18.74
C ARG C 212 38.37 -39.31 -19.97
N LYS D 351 -6.94 5.34 29.72
CA LYS D 351 -7.29 5.92 28.42
C LYS D 351 -8.46 5.18 27.80
N TPO D 352 -8.92 5.69 26.65
CA TPO D 352 -10.05 5.10 25.95
CB TPO D 352 -10.41 5.94 24.72
CG2 TPO D 352 -11.32 5.14 23.79
OG1 TPO D 352 -11.10 7.13 25.14
P TPO D 352 -10.04 8.34 25.04
O1P TPO D 352 -9.59 8.51 23.64
O2P TPO D 352 -10.75 9.71 25.53
O3P TPO D 352 -8.77 8.04 25.98
C TPO D 352 -9.75 3.66 25.54
O TPO D 352 -8.79 3.40 24.82
H TPO D 352 -8.59 6.38 26.26
HA TPO D 352 -10.84 5.09 26.55
HB TPO D 352 -9.49 6.20 24.20
HG21 TPO D 352 -11.87 5.83 23.14
HG22 TPO D 352 -12.02 4.56 24.38
HG23 TPO D 352 -10.72 4.47 23.17
N GLY D 353 -10.59 2.74 25.99
CA GLY D 353 -10.43 1.34 25.65
C GLY D 353 -11.12 1.00 24.35
N LEU D 354 -11.25 -0.30 24.09
CA LEU D 354 -11.91 -0.77 22.88
C LEU D 354 -12.19 -2.27 22.97
N TPO D 355 -13.32 -2.69 22.43
CA TPO D 355 -13.71 -4.13 22.48
CB TPO D 355 -14.54 -4.41 23.73
CG2 TPO D 355 -15.72 -3.44 23.81
OG1 TPO D 355 -15.04 -5.75 23.67
P TPO D 355 -14.17 -6.61 24.71
O1P TPO D 355 -14.57 -8.17 24.58
O2P TPO D 355 -14.44 -6.15 26.10
O3P TPO D 355 -12.61 -6.42 24.39
C TPO D 355 -14.47 -4.52 21.23
O TPO D 355 -14.33 -3.90 20.18
H TPO D 355 -13.34 -2.36 23.26
HA TPO D 355 -12.91 -4.68 22.53
HB TPO D 355 -13.92 -4.29 24.61
HG21 TPO D 355 -16.35 -3.71 24.64
HG22 TPO D 355 -16.30 -3.48 22.88
HG23 TPO D 355 -15.36 -2.42 23.95
N LYS D 356 -15.29 -5.57 21.33
CA LYS D 356 -16.04 -6.07 20.18
C LYS D 356 -17.43 -6.54 20.61
N LEU D 357 -18.41 -6.35 19.73
CA LEU D 357 -19.78 -6.78 19.98
C LEU D 357 -20.20 -7.83 18.95
#